data_9SI5
#
_entry.id   9SI5
#
_cell.length_a   101.873
_cell.length_b   108.058
_cell.length_c   179.772
_cell.angle_alpha   90
_cell.angle_beta   90
_cell.angle_gamma   90
#
_symmetry.space_group_name_H-M   'C 2 2 21'
#
loop_
_entity.id
_entity.type
_entity.pdbx_description
1 polymer 'Cytochrome P-450 monooxygenase DoxA'
2 non-polymer 'PROTOPORPHYRIN IX CONTAINING FE'
3 non-polymer (7~{S},9~{S})-7-[(2~{R},4~{S},5~{S},6~{S})-4-azanyl-6-methyl-5-oxidanyl-oxan-2-yl]oxy-4-methoxy-6,9,11-tris(oxidanyl)-9-[(1~{R})-1-oxidanylethyl]-8,10-dihydro-7~{H}-tetracene-5,12-dione
4 water water
#
_entity_poly.entity_id   1
_entity_poly.type   'polypeptide(L)'
_entity_poly.pdbx_seq_one_letter_code
;MGGSHHHHHHGMASMTGGQQMGRDLYDDDDKDPSSRSGEAPRVAVDPFACPMMTMQRKPEVHDAFREAGPVVEVNAPAGG
PAWVITDDALAREVLADPRFVKDPDLAPAAWRGVDDGLDIPVPELRPFTLIAVDGEAHRRLRRIHAPAFNPRRLAERTDR
IAAIAGRLLTELADASGRSGKPAELIGGFAYHFPLLVICELLGVPVTDPAMAREAVSVLKALGLGGPQSGGGDGTDPAGG
VPDTSALESLLLEAVHSARRNDTPTMTRVLYERAQAEFGSVSDDQLVYMITGLIFAGHDTTGSFLGFLLAEVLAGRLAAD
ADEDAVSRFVEEALRYHPPVPYTLWRFAATEVTIGGVRLPRGAPVLVDIEGTNTDGRHHDAPHAFHPDRPSWRRLTFGDG
PHYCIGEQLAQLESRTMIGVLRSRFPEARLAVPYDELRWCRKGAQTARLTELPVWLR
;
_entity_poly.pdbx_strand_id   A,D
#
# COMPACT_ATOMS: atom_id res chain seq x y z
N GLU A 39 24.22 26.58 -38.94
CA GLU A 39 24.39 27.33 -37.68
C GLU A 39 24.66 26.48 -36.44
N ALA A 40 23.64 25.71 -35.98
CA ALA A 40 23.74 24.95 -34.74
C ALA A 40 24.37 23.59 -34.99
N PRO A 41 25.13 23.07 -33.99
CA PRO A 41 25.49 21.65 -33.99
C PRO A 41 24.26 20.76 -34.16
N ARG A 42 24.26 19.79 -35.06
CA ARG A 42 23.07 19.06 -35.44
C ARG A 42 23.24 17.61 -35.00
N VAL A 43 22.20 17.09 -34.36
CA VAL A 43 22.16 15.68 -34.06
C VAL A 43 20.86 15.18 -34.68
N ALA A 44 20.99 14.26 -35.65
CA ALA A 44 19.89 13.87 -36.53
C ALA A 44 19.00 12.82 -35.87
N VAL A 45 18.28 13.19 -34.81
CA VAL A 45 17.51 12.23 -34.05
C VAL A 45 16.29 12.90 -33.44
N ASP A 46 15.27 12.08 -33.09
CA ASP A 46 14.11 12.50 -32.33
C ASP A 46 14.61 12.67 -30.91
N PRO A 47 14.48 13.87 -30.31
CA PRO A 47 14.84 14.05 -28.90
C PRO A 47 13.92 13.31 -27.93
N PHE A 48 12.73 12.94 -28.44
CA PHE A 48 11.75 12.16 -27.72
C PHE A 48 12.07 10.66 -27.81
N ALA A 49 13.09 10.26 -28.56
CA ALA A 49 13.41 8.84 -28.60
C ALA A 49 13.85 8.39 -27.21
N CYS A 50 13.45 7.15 -26.90
CA CYS A 50 13.49 6.61 -25.54
C CYS A 50 13.27 5.11 -25.59
N PRO A 51 14.34 4.33 -25.42
CA PRO A 51 14.22 2.88 -25.28
C PRO A 51 13.70 2.55 -23.88
N MET A 52 13.47 1.25 -23.63
CA MET A 52 13.21 0.80 -22.28
C MET A 52 14.39 1.15 -21.41
N MET A 53 14.11 1.79 -20.29
CA MET A 53 15.12 2.40 -19.45
C MET A 53 15.16 1.79 -18.07
N THR A 54 16.36 1.75 -17.51
CA THR A 54 16.50 1.30 -16.14
C THR A 54 16.52 2.56 -15.27
N MET A 55 16.48 2.35 -13.96
CA MET A 55 16.03 3.40 -13.05
C MET A 55 17.12 4.45 -12.95
N GLN A 56 18.37 3.96 -13.03
CA GLN A 56 19.58 4.75 -12.78
C GLN A 56 20.00 5.53 -14.03
N ARG A 57 19.56 5.12 -15.21
CA ARG A 57 20.05 5.69 -16.44
C ARG A 57 19.06 6.70 -17.02
N LYS A 58 19.56 7.60 -17.87
CA LYS A 58 18.74 8.50 -18.68
C LYS A 58 19.15 8.25 -20.12
N PRO A 59 18.30 8.58 -21.10
CA PRO A 59 18.65 8.40 -22.51
C PRO A 59 19.91 9.15 -22.94
N GLU A 60 20.64 8.48 -23.84
CA GLU A 60 21.95 8.93 -24.29
C GLU A 60 21.79 10.17 -25.19
N VAL A 61 20.71 10.27 -25.95
CA VAL A 61 20.42 11.51 -26.64
C VAL A 61 20.85 12.69 -25.75
N HIS A 62 20.58 12.65 -24.44
CA HIS A 62 20.80 13.80 -23.56
C HIS A 62 22.27 14.25 -23.53
N ASP A 63 23.20 13.30 -23.55
CA ASP A 63 24.62 13.55 -23.38
C ASP A 63 25.16 14.02 -24.73
N ALA A 64 24.68 13.36 -25.80
CA ALA A 64 24.91 13.80 -27.16
C ALA A 64 24.65 15.29 -27.26
N PHE A 65 23.40 15.72 -27.00
CA PHE A 65 23.01 17.10 -27.17
C PHE A 65 23.98 18.02 -26.43
N ARG A 66 24.10 17.77 -25.13
CA ARG A 66 24.96 18.54 -24.24
C ARG A 66 26.38 18.79 -24.82
N GLU A 67 27.06 17.71 -25.27
CA GLU A 67 28.42 17.71 -25.76
C GLU A 67 28.55 18.45 -27.09
N ALA A 68 27.54 18.27 -27.96
CA ALA A 68 27.40 19.03 -29.19
C ALA A 68 27.29 20.52 -28.88
N GLY A 69 26.50 20.97 -27.90
CA GLY A 69 26.57 22.37 -27.49
C GLY A 69 25.38 22.86 -26.66
N PRO A 70 25.40 24.15 -26.22
CA PRO A 70 24.22 24.78 -25.60
C PRO A 70 22.95 24.77 -26.43
N VAL A 71 23.01 24.82 -27.78
CA VAL A 71 21.82 24.79 -28.62
C VAL A 71 22.06 23.81 -29.75
N VAL A 72 21.14 22.91 -29.98
CA VAL A 72 21.43 21.82 -30.90
C VAL A 72 20.25 21.62 -31.84
N GLU A 73 20.53 21.61 -33.14
CA GLU A 73 19.51 21.23 -34.10
C GLU A 73 19.28 19.73 -33.97
N VAL A 74 17.99 19.33 -33.92
CA VAL A 74 17.63 17.93 -34.09
C VAL A 74 16.41 17.80 -35.00
N ASN A 75 16.00 16.55 -35.26
CA ASN A 75 14.77 16.23 -35.98
C ASN A 75 13.51 16.27 -35.11
N ALA A 76 12.57 17.12 -35.45
CA ALA A 76 11.27 17.09 -34.80
C ALA A 76 10.51 15.80 -35.19
N PRO A 77 9.65 15.22 -34.30
CA PRO A 77 8.96 13.97 -34.63
C PRO A 77 8.11 14.12 -35.88
N ALA A 78 7.46 15.28 -36.02
CA ALA A 78 6.45 15.44 -37.05
C ALA A 78 6.96 16.16 -38.31
N GLY A 79 8.26 16.01 -38.58
CA GLY A 79 8.94 16.67 -39.68
C GLY A 79 9.63 17.97 -39.27
N GLY A 80 10.74 18.23 -39.95
CA GLY A 80 11.31 19.54 -39.84
C GLY A 80 12.30 19.63 -38.68
N PRO A 81 13.07 20.73 -38.64
CA PRO A 81 14.03 20.96 -37.58
C PRO A 81 13.37 21.34 -36.25
N ALA A 82 14.18 21.13 -35.20
CA ALA A 82 13.96 21.67 -33.86
C ALA A 82 15.31 21.83 -33.16
N TRP A 83 15.34 22.81 -32.24
CA TRP A 83 16.52 23.20 -31.49
C TRP A 83 16.28 22.88 -30.01
N VAL A 84 17.29 22.35 -29.32
CA VAL A 84 17.19 21.93 -27.93
C VAL A 84 18.26 22.64 -27.09
N ILE A 85 17.84 23.20 -25.96
CA ILE A 85 18.75 23.89 -25.06
C ILE A 85 19.32 22.87 -24.11
N THR A 86 20.56 23.01 -23.69
CA THR A 86 21.13 22.01 -22.81
C THR A 86 21.75 22.69 -21.62
N ASP A 87 21.65 24.00 -21.55
CA ASP A 87 22.37 24.71 -20.51
C ASP A 87 21.32 25.23 -19.56
N ASP A 88 21.55 25.02 -18.26
CA ASP A 88 20.57 25.44 -17.26
C ASP A 88 20.36 26.94 -17.43
N ALA A 89 21.45 27.71 -17.31
CA ALA A 89 21.35 29.16 -17.23
C ALA A 89 20.70 29.72 -18.49
N LEU A 90 21.06 29.15 -19.65
CA LEU A 90 20.54 29.63 -20.93
C LEU A 90 19.03 29.45 -21.00
N ALA A 91 18.61 28.19 -20.77
CA ALA A 91 17.21 27.81 -20.77
C ALA A 91 16.37 28.71 -19.86
N ARG A 92 16.91 29.11 -18.72
CA ARG A 92 16.17 29.96 -17.83
C ARG A 92 15.87 31.31 -18.47
N GLU A 93 16.89 31.98 -19.05
CA GLU A 93 16.71 33.19 -19.85
C GLU A 93 15.69 32.97 -20.99
N VAL A 94 15.84 31.87 -21.74
CA VAL A 94 14.94 31.58 -22.84
C VAL A 94 13.51 31.57 -22.33
N LEU A 95 13.26 31.04 -21.13
CA LEU A 95 11.90 30.82 -20.66
C LEU A 95 11.32 32.11 -20.08
N ALA A 96 12.15 33.09 -19.71
CA ALA A 96 11.63 34.43 -19.46
C ALA A 96 11.80 35.40 -20.66
N ASP A 97 11.89 34.89 -21.91
CA ASP A 97 12.21 35.72 -23.07
C ASP A 97 11.01 35.79 -23.99
N PRO A 98 10.30 36.93 -24.03
CA PRO A 98 9.04 36.99 -24.77
C PRO A 98 9.12 36.63 -26.26
N ARG A 99 10.29 36.39 -26.84
CA ARG A 99 10.32 36.05 -28.26
C ARG A 99 10.01 34.56 -28.47
N PHE A 100 10.08 33.80 -27.36
CA PHE A 100 9.78 32.39 -27.42
C PHE A 100 8.40 32.13 -26.81
N VAL A 101 7.48 31.65 -27.66
CA VAL A 101 6.06 31.75 -27.43
C VAL A 101 5.43 30.37 -27.62
N LYS A 102 4.23 30.22 -27.01
CA LYS A 102 3.51 28.97 -27.03
C LYS A 102 2.69 28.86 -28.31
N ASP A 103 2.36 30.03 -28.91
CA ASP A 103 1.40 30.09 -30.01
C ASP A 103 1.51 28.82 -30.85
N PRO A 104 0.54 27.90 -30.76
CA PRO A 104 0.56 26.72 -31.59
C PRO A 104 0.41 27.04 -33.06
N ASP A 105 -0.08 28.24 -33.40
CA ASP A 105 -0.27 28.60 -34.83
C ASP A 105 1.07 28.91 -35.51
N LEU A 106 2.17 29.09 -34.76
CA LEU A 106 3.47 29.21 -35.36
C LEU A 106 4.09 27.86 -35.68
N ALA A 107 3.52 26.75 -35.21
CA ALA A 107 4.15 25.47 -35.49
C ALA A 107 3.98 25.09 -36.96
N PRO A 108 4.86 24.23 -37.50
CA PRO A 108 4.76 23.74 -38.87
C PRO A 108 3.40 23.12 -39.23
N ALA A 109 2.96 23.36 -40.48
CA ALA A 109 1.67 22.87 -40.94
C ALA A 109 1.62 21.33 -40.90
N ALA A 110 2.71 20.66 -41.29
CA ALA A 110 2.83 19.21 -41.19
C ALA A 110 2.50 18.70 -39.77
N TRP A 111 2.59 19.55 -38.74
CA TRP A 111 2.34 19.09 -37.39
C TRP A 111 0.84 18.96 -37.11
N ARG A 112 0.04 19.85 -37.71
CA ARG A 112 -1.39 19.91 -37.49
C ARG A 112 -2.04 18.55 -37.77
N GLY A 113 -2.76 18.02 -36.77
CA GLY A 113 -3.41 16.73 -36.88
C GLY A 113 -2.43 15.60 -37.18
N VAL A 114 -1.28 15.53 -36.48
CA VAL A 114 -0.35 14.41 -36.62
C VAL A 114 0.68 14.31 -35.48
N ASP A 115 1.07 15.43 -34.86
CA ASP A 115 1.92 15.39 -33.69
C ASP A 115 1.07 15.81 -32.50
N ASP A 116 0.29 14.90 -31.95
CA ASP A 116 -0.56 15.16 -30.78
C ASP A 116 0.22 15.72 -29.58
N GLY A 117 1.57 15.77 -29.72
CA GLY A 117 2.50 16.57 -28.92
C GLY A 117 2.32 18.08 -29.10
N LEU A 118 1.71 18.47 -30.21
CA LEU A 118 1.38 19.87 -30.45
C LEU A 118 0.12 20.18 -29.66
N ASP A 119 0.18 21.21 -28.80
CA ASP A 119 -0.98 21.53 -27.96
C ASP A 119 -1.68 22.74 -28.58
N ILE A 120 -2.69 22.42 -29.40
CA ILE A 120 -3.40 23.39 -30.21
C ILE A 120 -4.92 23.35 -29.99
N PRO A 121 -5.43 24.03 -28.93
CA PRO A 121 -6.86 24.27 -28.81
C PRO A 121 -7.34 25.03 -30.03
N VAL A 122 -8.63 24.95 -30.33
CA VAL A 122 -9.22 25.87 -31.27
C VAL A 122 -9.03 27.30 -30.79
N PRO A 123 -8.96 28.26 -31.75
CA PRO A 123 -8.66 29.65 -31.44
C PRO A 123 -9.42 30.19 -30.24
N GLU A 124 -10.74 29.89 -30.13
CA GLU A 124 -11.64 30.57 -29.19
C GLU A 124 -11.56 30.02 -27.73
N LEU A 125 -10.85 28.88 -27.49
CA LEU A 125 -10.60 28.33 -26.16
C LEU A 125 -9.17 28.59 -25.68
N ARG A 126 -8.31 28.98 -26.59
CA ARG A 126 -6.96 29.32 -26.24
C ARG A 126 -6.93 30.36 -25.13
N PRO A 127 -7.82 31.36 -25.07
CA PRO A 127 -7.78 32.33 -23.99
C PRO A 127 -8.05 31.74 -22.63
N PHE A 128 -8.48 30.47 -22.62
CA PHE A 128 -8.73 29.69 -21.43
C PHE A 128 -7.74 28.55 -21.30
N THR A 129 -6.64 28.59 -22.04
CA THR A 129 -5.65 27.54 -21.90
C THR A 129 -4.28 28.11 -21.54
N LEU A 130 -3.85 27.84 -20.33
CA LEU A 130 -2.68 28.45 -19.77
C LEU A 130 -1.51 28.20 -20.70
N ILE A 131 -1.50 26.99 -21.25
CA ILE A 131 -0.31 26.56 -21.91
C ILE A 131 -0.19 27.16 -23.31
N ALA A 132 -1.23 27.81 -23.81
CA ALA A 132 -1.27 28.15 -25.22
C ALA A 132 -1.35 29.66 -25.43
N VAL A 133 -1.03 30.41 -24.38
CA VAL A 133 -0.95 31.84 -24.51
C VAL A 133 0.27 32.47 -23.85
N ASP A 134 0.61 33.69 -24.24
CA ASP A 134 1.56 34.49 -23.48
C ASP A 134 0.96 35.89 -23.32
N GLY A 135 1.69 36.74 -22.64
CA GLY A 135 1.29 38.12 -22.70
C GLY A 135 0.09 38.26 -21.83
N GLU A 136 -0.82 39.17 -22.14
CA GLU A 136 -1.74 39.60 -21.09
C GLU A 136 -2.79 38.51 -20.88
N ALA A 137 -2.99 37.71 -21.92
CA ALA A 137 -3.95 36.64 -21.91
C ALA A 137 -3.54 35.62 -20.86
N HIS A 138 -2.22 35.45 -20.75
CA HIS A 138 -1.58 34.52 -19.85
C HIS A 138 -1.57 35.14 -18.45
N ARG A 139 -1.23 36.42 -18.35
CA ARG A 139 -1.21 37.04 -17.03
C ARG A 139 -2.58 36.88 -16.38
N ARG A 140 -3.63 37.02 -17.18
CA ARG A 140 -5.00 36.94 -16.76
C ARG A 140 -5.30 35.54 -16.19
N LEU A 141 -4.94 34.51 -16.96
CA LEU A 141 -5.23 33.16 -16.53
C LEU A 141 -4.48 32.91 -15.23
N ARG A 142 -3.25 33.39 -15.16
CA ARG A 142 -2.41 33.22 -14.00
C ARG A 142 -3.01 33.93 -12.79
N ARG A 143 -3.57 35.11 -13.03
CA ARG A 143 -4.22 35.81 -11.93
C ARG A 143 -5.52 35.13 -11.47
N ILE A 144 -6.00 34.26 -12.34
CA ILE A 144 -7.26 33.59 -12.11
C ILE A 144 -6.98 32.33 -11.31
N HIS A 145 -5.87 31.62 -11.65
CA HIS A 145 -5.55 30.34 -11.01
C HIS A 145 -4.85 30.47 -9.65
N ALA A 146 -4.20 31.61 -9.39
CA ALA A 146 -3.27 31.78 -8.30
C ALA A 146 -3.99 31.68 -6.94
N PRO A 147 -5.14 32.38 -6.73
CA PRO A 147 -5.86 32.26 -5.48
C PRO A 147 -6.52 30.89 -5.32
N ALA A 148 -6.80 30.20 -6.44
CA ALA A 148 -7.44 28.89 -6.40
C ALA A 148 -6.47 27.84 -5.86
N PHE A 149 -5.16 28.10 -6.08
CA PHE A 149 -4.10 27.20 -5.68
C PHE A 149 -3.39 27.69 -4.44
N ASN A 150 -4.04 28.60 -3.71
CA ASN A 150 -3.55 29.09 -2.44
C ASN A 150 -3.05 27.92 -1.58
N PRO A 151 -1.74 27.86 -1.24
CA PRO A 151 -1.20 26.77 -0.45
C PRO A 151 -1.68 26.68 1.00
N ARG A 152 -2.19 27.77 1.60
CA ARG A 152 -2.83 27.68 2.91
C ARG A 152 -3.94 26.66 2.78
N ARG A 153 -4.72 26.79 1.71
CA ARG A 153 -5.95 26.05 1.57
C ARG A 153 -5.64 24.66 1.08
N LEU A 154 -4.51 24.48 0.44
CA LEU A 154 -4.11 23.12 0.09
C LEU A 154 -3.75 22.38 1.36
N ALA A 155 -3.05 23.07 2.26
CA ALA A 155 -2.55 22.47 3.48
C ALA A 155 -3.71 21.96 4.33
N GLU A 156 -4.74 22.82 4.48
CA GLU A 156 -5.95 22.53 5.20
C GLU A 156 -6.56 21.19 4.79
N ARG A 157 -6.23 20.70 3.60
CA ARG A 157 -6.74 19.41 3.18
C ARG A 157 -5.65 18.33 3.16
N THR A 158 -4.62 18.46 4.01
CA THR A 158 -3.65 17.38 4.06
C THR A 158 -4.38 16.09 4.43
N ASP A 159 -5.13 16.14 5.53
CA ASP A 159 -5.78 14.96 6.09
C ASP A 159 -6.64 14.27 5.04
N ARG A 160 -7.41 15.08 4.28
CA ARG A 160 -8.24 14.49 3.24
C ARG A 160 -7.37 13.70 2.28
N ILE A 161 -6.20 14.26 1.98
CA ILE A 161 -5.33 13.64 1.00
C ILE A 161 -4.73 12.33 1.55
N ALA A 162 -4.38 12.34 2.84
CA ALA A 162 -3.85 11.14 3.52
C ALA A 162 -4.88 10.03 3.50
N ALA A 163 -6.10 10.42 3.86
CA ALA A 163 -7.22 9.54 3.72
C ALA A 163 -7.27 8.80 2.40
N ILE A 164 -7.23 9.61 1.32
CA ILE A 164 -7.33 9.06 -0.03
C ILE A 164 -6.22 8.06 -0.24
N ALA A 165 -5.03 8.45 0.19
CA ALA A 165 -3.90 7.59 -0.05
C ALA A 165 -4.15 6.26 0.65
N GLY A 166 -4.53 6.37 1.93
CA GLY A 166 -4.63 5.21 2.80
C GLY A 166 -5.71 4.25 2.30
N ARG A 167 -6.86 4.80 1.89
CA ARG A 167 -7.92 3.95 1.37
C ARG A 167 -7.35 3.15 0.22
N LEU A 168 -6.67 3.83 -0.70
CA LEU A 168 -6.20 3.17 -1.91
C LEU A 168 -5.22 2.07 -1.51
N LEU A 169 -4.41 2.41 -0.53
CA LEU A 169 -3.31 1.52 -0.24
C LEU A 169 -3.79 0.25 0.45
N THR A 170 -4.78 0.44 1.34
CA THR A 170 -5.41 -0.64 2.08
C THR A 170 -6.08 -1.62 1.12
N GLU A 171 -6.77 -1.02 0.14
CA GLU A 171 -7.50 -1.77 -0.83
C GLU A 171 -6.51 -2.68 -1.55
N LEU A 172 -5.44 -2.10 -2.11
CA LEU A 172 -4.43 -2.86 -2.83
C LEU A 172 -3.76 -3.93 -1.96
N ALA A 173 -3.47 -3.57 -0.71
CA ALA A 173 -3.01 -4.55 0.30
C ALA A 173 -3.98 -5.68 0.57
N ASP A 174 -5.22 -5.32 0.95
CA ASP A 174 -6.28 -6.28 1.17
C ASP A 174 -6.42 -7.21 -0.03
N ALA A 175 -6.24 -6.66 -1.24
CA ALA A 175 -6.40 -7.43 -2.45
C ALA A 175 -5.18 -8.30 -2.69
N SER A 176 -4.02 -7.81 -2.25
CA SER A 176 -2.82 -8.60 -2.41
C SER A 176 -2.87 -9.85 -1.49
N GLY A 177 -3.30 -9.67 -0.24
CA GLY A 177 -3.51 -10.79 0.68
C GLY A 177 -4.48 -11.87 0.15
N ARG A 178 -5.60 -11.43 -0.44
CA ARG A 178 -6.53 -12.32 -1.07
C ARG A 178 -5.95 -13.10 -2.24
N SER A 179 -5.20 -12.43 -3.10
CA SER A 179 -4.90 -13.00 -4.39
C SER A 179 -3.64 -13.83 -4.24
N GLY A 180 -2.74 -13.33 -3.39
CA GLY A 180 -1.37 -13.83 -3.32
C GLY A 180 -0.45 -13.20 -4.37
N LYS A 181 -0.99 -12.32 -5.20
CA LYS A 181 -0.24 -11.59 -6.23
C LYS A 181 0.18 -10.25 -5.65
N PRO A 182 1.33 -9.65 -6.10
CA PRO A 182 1.72 -8.33 -5.63
C PRO A 182 0.80 -7.25 -6.15
N ALA A 183 0.74 -6.17 -5.39
CA ALA A 183 0.00 -5.00 -5.79
C ALA A 183 0.82 -4.25 -6.80
N GLU A 184 0.17 -3.91 -7.94
CA GLU A 184 0.79 -3.20 -9.04
C GLU A 184 0.45 -1.76 -8.77
N LEU A 185 1.40 -0.99 -8.21
CA LEU A 185 1.07 0.36 -7.78
C LEU A 185 0.85 1.34 -8.93
N ILE A 186 1.23 1.01 -10.17
CA ILE A 186 1.09 2.03 -11.20
C ILE A 186 -0.39 2.17 -11.58
N GLY A 187 -0.96 1.07 -12.10
CA GLY A 187 -2.39 1.03 -12.40
C GLY A 187 -3.28 1.22 -11.16
N GLY A 188 -2.78 0.74 -10.02
CA GLY A 188 -3.53 0.73 -8.78
C GLY A 188 -3.52 2.07 -8.06
N PHE A 189 -2.41 2.79 -8.04
CA PHE A 189 -2.34 3.92 -7.11
C PHE A 189 -1.90 5.23 -7.78
N ALA A 190 -0.82 5.17 -8.56
CA ALA A 190 0.00 6.34 -8.86
C ALA A 190 -0.82 7.43 -9.56
N TYR A 191 -1.77 6.98 -10.41
CA TYR A 191 -2.64 7.91 -11.11
C TYR A 191 -3.95 8.13 -10.34
N HIS A 192 -4.50 7.08 -9.67
CA HIS A 192 -5.78 7.22 -8.96
C HIS A 192 -5.66 8.15 -7.77
N PHE A 193 -4.48 8.18 -7.15
CA PHE A 193 -4.28 9.03 -5.98
C PHE A 193 -4.42 10.52 -6.33
N PRO A 194 -3.57 11.08 -7.24
CA PRO A 194 -3.66 12.50 -7.60
C PRO A 194 -4.97 12.84 -8.30
N LEU A 195 -5.51 11.90 -9.05
CA LEU A 195 -6.78 12.20 -9.66
C LEU A 195 -7.80 12.52 -8.59
N LEU A 196 -7.94 11.63 -7.61
CA LEU A 196 -8.97 11.81 -6.61
C LEU A 196 -8.70 13.10 -5.85
N VAL A 197 -7.45 13.36 -5.57
CA VAL A 197 -7.16 14.58 -4.84
C VAL A 197 -7.63 15.81 -5.59
N ILE A 198 -7.33 15.88 -6.90
CA ILE A 198 -7.54 17.11 -7.65
C ILE A 198 -9.02 17.28 -7.93
N CYS A 199 -9.71 16.18 -8.26
CA CYS A 199 -11.17 16.16 -8.39
C CYS A 199 -11.88 16.62 -7.13
N GLU A 200 -11.31 16.26 -6.00
CA GLU A 200 -12.02 16.56 -4.78
C GLU A 200 -11.94 18.05 -4.48
N LEU A 201 -10.76 18.60 -4.72
CA LEU A 201 -10.52 20.03 -4.52
C LEU A 201 -11.41 20.90 -5.44
N LEU A 202 -11.77 20.37 -6.62
CA LEU A 202 -12.62 21.14 -7.52
C LEU A 202 -14.11 20.89 -7.27
N GLY A 203 -14.45 19.81 -6.55
CA GLY A 203 -15.83 19.54 -6.24
C GLY A 203 -16.40 18.53 -7.21
N VAL A 204 -15.50 17.70 -7.74
CA VAL A 204 -15.91 16.80 -8.80
C VAL A 204 -15.99 15.40 -8.21
N PRO A 205 -17.18 14.93 -7.85
CA PRO A 205 -17.27 13.67 -7.13
C PRO A 205 -17.03 12.46 -8.03
N VAL A 206 -15.92 11.78 -7.82
CA VAL A 206 -15.55 10.63 -8.64
C VAL A 206 -15.67 9.36 -7.82
N THR A 207 -16.29 8.35 -8.41
CA THR A 207 -16.37 7.10 -7.73
C THR A 207 -15.45 6.12 -8.43
N ASP A 208 -15.41 6.13 -9.78
CA ASP A 208 -14.55 5.21 -10.51
C ASP A 208 -13.33 5.97 -11.01
N PRO A 209 -12.16 5.88 -10.35
CA PRO A 209 -11.02 6.67 -10.74
C PRO A 209 -10.41 6.13 -12.03
N ALA A 210 -10.51 4.80 -12.29
CA ALA A 210 -9.96 4.24 -13.51
C ALA A 210 -10.68 4.82 -14.74
N MET A 211 -12.01 4.92 -14.63
CA MET A 211 -12.82 5.39 -15.73
C MET A 211 -12.82 6.90 -15.87
N ALA A 212 -12.84 7.63 -14.76
CA ALA A 212 -12.66 9.07 -14.85
C ALA A 212 -11.36 9.39 -15.61
N ARG A 213 -10.28 8.70 -15.27
CA ARG A 213 -9.03 8.88 -16.01
C ARG A 213 -9.22 8.70 -17.53
N GLU A 214 -9.81 7.60 -17.97
CA GLU A 214 -9.97 7.43 -19.38
C GLU A 214 -10.76 8.60 -19.94
N ALA A 215 -11.84 9.01 -19.29
CA ALA A 215 -12.66 10.06 -19.87
C ALA A 215 -11.87 11.37 -19.93
N VAL A 216 -11.22 11.73 -18.85
CA VAL A 216 -10.60 13.04 -18.82
C VAL A 216 -9.47 13.08 -19.86
N SER A 217 -8.80 11.96 -20.11
CA SER A 217 -7.76 11.80 -21.12
C SER A 217 -8.28 12.12 -22.53
N VAL A 218 -9.41 11.53 -22.85
CA VAL A 218 -10.08 11.83 -24.11
C VAL A 218 -10.49 13.30 -24.21
N LEU A 219 -10.91 13.91 -23.11
CA LEU A 219 -11.44 15.25 -23.16
C LEU A 219 -10.25 16.14 -23.48
N LYS A 220 -9.16 15.86 -22.78
CA LYS A 220 -7.92 16.58 -22.95
C LYS A 220 -7.51 16.51 -24.42
N ALA A 221 -7.44 15.29 -24.98
CA ALA A 221 -7.01 15.09 -26.35
C ALA A 221 -7.81 15.97 -27.30
N LEU A 222 -9.14 15.91 -27.18
CA LEU A 222 -10.02 16.65 -28.06
C LEU A 222 -9.75 18.13 -27.89
N GLY A 223 -9.60 18.59 -26.65
CA GLY A 223 -9.51 20.00 -26.39
C GLY A 223 -8.15 20.60 -26.73
N LEU A 224 -7.11 19.77 -26.87
CA LEU A 224 -5.80 20.23 -27.31
C LEU A 224 -5.51 19.79 -28.77
N GLY A 225 -6.61 19.61 -29.54
CA GLY A 225 -6.62 19.47 -30.98
C GLY A 225 -6.42 18.02 -31.37
N GLY A 226 -7.48 17.24 -31.50
CA GLY A 226 -7.26 15.84 -31.84
C GLY A 226 -8.53 15.27 -32.45
N PRO A 227 -8.43 14.26 -33.33
CA PRO A 227 -9.57 13.75 -34.10
C PRO A 227 -10.89 13.36 -33.42
N GLN A 228 -11.92 13.54 -34.29
CA GLN A 228 -13.28 13.02 -34.17
C GLN A 228 -14.04 13.71 -33.03
N VAL A 241 -16.77 4.22 -26.00
CA VAL A 241 -16.91 5.66 -26.26
C VAL A 241 -16.81 6.21 -24.86
N PRO A 242 -15.61 6.67 -24.58
CA PRO A 242 -15.13 6.81 -23.22
C PRO A 242 -16.22 7.44 -22.35
N ASP A 243 -17.40 7.67 -22.96
CA ASP A 243 -18.64 8.11 -22.34
C ASP A 243 -18.30 9.32 -21.48
N THR A 244 -17.77 10.32 -22.15
CA THR A 244 -17.21 11.41 -21.39
C THR A 244 -18.35 12.09 -20.63
N SER A 245 -19.56 11.97 -21.21
CA SER A 245 -20.79 12.57 -20.69
C SER A 245 -21.00 12.37 -19.20
N ALA A 246 -20.64 11.17 -18.71
CA ALA A 246 -20.55 10.87 -17.29
C ALA A 246 -19.71 11.90 -16.54
N LEU A 247 -18.40 12.00 -16.88
CA LEU A 247 -17.53 12.96 -16.24
C LEU A 247 -18.06 14.37 -16.51
N GLU A 248 -18.53 14.56 -17.73
CA GLU A 248 -18.86 15.91 -18.14
C GLU A 248 -19.96 16.41 -17.22
N SER A 249 -20.85 15.46 -16.96
CA SER A 249 -21.95 15.66 -16.05
C SER A 249 -21.50 16.10 -14.67
N LEU A 250 -20.42 15.45 -14.18
CA LEU A 250 -19.86 15.74 -12.86
C LEU A 250 -19.10 17.06 -12.88
N LEU A 251 -18.43 17.34 -14.03
CA LEU A 251 -17.68 18.57 -14.14
C LEU A 251 -18.66 19.75 -14.09
N LEU A 252 -19.80 19.51 -14.75
CA LEU A 252 -20.78 20.56 -14.94
C LEU A 252 -21.46 20.81 -13.59
N GLU A 253 -21.36 19.81 -12.75
CA GLU A 253 -21.99 19.85 -11.44
C GLU A 253 -21.20 20.68 -10.44
N ALA A 254 -19.90 20.45 -10.47
CA ALA A 254 -18.97 21.31 -9.75
C ALA A 254 -19.18 22.78 -10.14
N VAL A 255 -19.21 23.05 -11.47
CA VAL A 255 -19.33 24.42 -11.95
C VAL A 255 -20.62 25.03 -11.41
N HIS A 256 -21.69 24.21 -11.52
CA HIS A 256 -23.02 24.61 -11.12
C HIS A 256 -23.01 24.88 -9.62
N SER A 257 -22.38 23.95 -8.91
CA SER A 257 -22.23 24.07 -7.48
C SER A 257 -21.52 25.38 -7.12
N ALA A 258 -20.37 25.61 -7.82
CA ALA A 258 -19.55 26.80 -7.71
C ALA A 258 -20.30 28.10 -7.97
N ARG A 259 -21.20 28.07 -8.97
CA ARG A 259 -21.96 29.26 -9.27
C ARG A 259 -22.90 29.61 -8.13
N ARG A 260 -23.52 28.63 -7.50
CA ARG A 260 -24.63 28.94 -6.60
C ARG A 260 -24.10 29.09 -5.17
N ASN A 261 -22.87 28.63 -4.87
CA ASN A 261 -22.39 28.59 -3.49
C ASN A 261 -21.09 29.35 -3.27
N ASP A 262 -21.17 30.20 -2.27
CA ASP A 262 -20.13 31.14 -1.91
C ASP A 262 -19.05 30.39 -1.13
N THR A 263 -19.34 29.15 -0.70
CA THR A 263 -18.29 28.20 -0.30
C THR A 263 -17.08 28.45 -1.18
N PRO A 264 -15.91 28.83 -0.61
CA PRO A 264 -14.68 29.02 -1.39
C PRO A 264 -13.98 27.73 -1.78
N THR A 265 -14.60 26.93 -2.67
CA THR A 265 -14.00 25.81 -3.38
C THR A 265 -12.81 26.35 -4.19
N MET A 266 -11.93 25.47 -4.70
CA MET A 266 -11.02 25.82 -5.78
C MET A 266 -11.86 26.30 -6.96
N THR A 267 -12.84 25.49 -7.40
CA THR A 267 -13.69 25.79 -8.54
C THR A 267 -14.45 27.10 -8.37
N ARG A 268 -14.88 27.44 -7.15
CA ARG A 268 -15.54 28.72 -6.97
C ARG A 268 -14.57 29.89 -7.17
N VAL A 269 -13.34 29.71 -6.69
CA VAL A 269 -12.41 30.82 -6.73
C VAL A 269 -12.12 31.09 -8.22
N LEU A 270 -11.98 30.00 -8.99
CA LEU A 270 -11.81 30.08 -10.44
C LEU A 270 -12.94 30.91 -11.04
N TYR A 271 -14.15 30.47 -10.71
CA TYR A 271 -15.32 31.07 -11.25
C TYR A 271 -15.31 32.52 -10.87
N GLU A 272 -14.90 32.88 -9.65
CA GLU A 272 -14.93 34.30 -9.30
C GLU A 272 -13.90 35.11 -10.12
N ARG A 273 -12.68 34.57 -10.22
CA ARG A 273 -11.64 35.33 -10.88
C ARG A 273 -11.98 35.40 -12.37
N ALA A 274 -12.47 34.30 -12.96
CA ALA A 274 -12.71 34.34 -14.40
C ALA A 274 -13.73 35.41 -14.68
N GLN A 275 -14.73 35.49 -13.84
CA GLN A 275 -15.87 36.31 -14.19
C GLN A 275 -15.47 37.78 -14.15
N ALA A 276 -14.60 38.10 -13.20
CA ALA A 276 -14.17 39.48 -13.05
C ALA A 276 -13.21 39.86 -14.18
N GLU A 277 -12.40 38.92 -14.63
CA GLU A 277 -11.34 39.20 -15.58
C GLU A 277 -11.95 39.23 -16.98
N PHE A 278 -12.93 38.34 -17.20
CA PHE A 278 -13.52 38.12 -18.51
C PHE A 278 -14.89 38.76 -18.61
N GLY A 279 -15.34 39.52 -17.62
CA GLY A 279 -16.71 40.05 -17.60
C GLY A 279 -17.82 38.99 -17.38
N SER A 280 -17.65 37.82 -18.00
CA SER A 280 -18.71 36.83 -18.11
C SER A 280 -18.12 35.54 -18.61
N VAL A 281 -18.43 34.46 -17.88
CA VAL A 281 -17.87 33.15 -18.15
C VAL A 281 -18.99 32.11 -18.19
N SER A 282 -18.81 31.10 -19.04
CA SER A 282 -19.84 30.16 -19.39
C SER A 282 -19.48 28.84 -18.72
N ASP A 283 -20.45 27.94 -18.64
CA ASP A 283 -20.26 26.71 -17.91
C ASP A 283 -19.23 25.90 -18.66
N ASP A 284 -19.29 25.97 -20.00
CA ASP A 284 -18.46 25.12 -20.85
C ASP A 284 -17.03 25.58 -20.74
N GLN A 285 -16.85 26.89 -20.50
CA GLN A 285 -15.53 27.49 -20.31
C GLN A 285 -14.90 26.94 -19.02
N LEU A 286 -15.67 26.96 -17.93
CA LEU A 286 -15.16 26.52 -16.64
C LEU A 286 -14.92 25.01 -16.60
N VAL A 287 -15.77 24.24 -17.28
CA VAL A 287 -15.55 22.80 -17.41
C VAL A 287 -14.23 22.55 -18.13
N TYR A 288 -14.00 23.33 -19.21
CA TYR A 288 -12.82 23.23 -20.06
C TYR A 288 -11.58 23.45 -19.20
N MET A 289 -11.53 24.55 -18.48
CA MET A 289 -10.34 24.85 -17.73
C MET A 289 -10.04 23.76 -16.70
N ILE A 290 -11.03 23.39 -15.90
CA ILE A 290 -10.83 22.40 -14.86
C ILE A 290 -10.52 21.06 -15.56
N THR A 291 -11.03 20.81 -16.76
CA THR A 291 -10.73 19.54 -17.39
C THR A 291 -9.23 19.41 -17.49
N GLY A 292 -8.61 20.57 -17.66
CA GLY A 292 -7.19 20.59 -17.90
C GLY A 292 -6.45 20.43 -16.60
N LEU A 293 -6.95 21.09 -15.55
CA LEU A 293 -6.33 20.89 -14.24
C LEU A 293 -6.37 19.41 -13.80
N ILE A 294 -7.42 18.68 -14.18
CA ILE A 294 -7.54 17.31 -13.72
C ILE A 294 -6.53 16.49 -14.50
N PHE A 295 -6.35 16.79 -15.80
CA PHE A 295 -5.47 15.95 -16.61
C PHE A 295 -4.03 16.14 -16.10
N ALA A 296 -3.60 17.39 -16.05
CA ALA A 296 -2.27 17.70 -15.60
C ALA A 296 -2.07 17.20 -14.18
N GLY A 297 -3.13 17.35 -13.34
CA GLY A 297 -3.01 17.16 -11.90
C GLY A 297 -2.79 15.69 -11.55
N HIS A 298 -3.18 14.81 -12.47
CA HIS A 298 -3.10 13.39 -12.22
C HIS A 298 -2.01 12.81 -13.10
N ASP A 299 -1.97 13.16 -14.42
CA ASP A 299 -1.06 12.47 -15.33
C ASP A 299 0.39 12.85 -15.03
N THR A 300 0.72 14.13 -14.79
CA THR A 300 2.12 14.38 -14.54
C THR A 300 2.44 13.82 -13.16
N THR A 301 1.70 14.24 -12.15
CA THR A 301 1.96 13.77 -10.79
C THR A 301 2.12 12.25 -10.71
N GLY A 302 1.26 11.53 -11.41
CA GLY A 302 1.21 10.09 -11.25
C GLY A 302 2.43 9.43 -11.83
N SER A 303 2.90 10.07 -12.89
CA SER A 303 4.15 9.59 -13.47
C SER A 303 5.26 9.74 -12.44
N PHE A 304 5.28 10.90 -11.80
CA PHE A 304 6.31 11.19 -10.84
C PHE A 304 6.23 10.24 -9.64
N LEU A 305 5.00 10.01 -9.14
CA LEU A 305 4.80 9.30 -7.87
C LEU A 305 5.23 7.84 -8.05
N GLY A 306 5.05 7.32 -9.25
CA GLY A 306 5.51 5.97 -9.48
C GLY A 306 7.00 5.89 -9.26
N PHE A 307 7.74 6.91 -9.75
CA PHE A 307 9.18 6.90 -9.53
C PHE A 307 9.40 7.01 -8.01
N LEU A 308 8.79 8.02 -7.39
CA LEU A 308 9.10 8.32 -6.01
C LEU A 308 8.91 7.07 -5.18
N LEU A 309 7.82 6.34 -5.44
CA LEU A 309 7.47 5.12 -4.73
C LEU A 309 8.61 4.13 -4.89
N ALA A 310 9.03 3.95 -6.12
CA ALA A 310 10.01 2.92 -6.39
C ALA A 310 11.23 3.18 -5.52
N GLU A 311 11.50 4.46 -5.28
CA GLU A 311 12.73 4.84 -4.60
C GLU A 311 12.57 4.64 -3.11
N VAL A 312 11.36 4.94 -2.61
CA VAL A 312 11.06 4.81 -1.20
C VAL A 312 11.09 3.31 -0.85
N LEU A 313 10.37 2.52 -1.66
CA LEU A 313 10.20 1.10 -1.41
C LEU A 313 11.47 0.28 -1.57
N ALA A 314 12.49 0.90 -2.17
CA ALA A 314 13.78 0.28 -2.45
C ALA A 314 14.63 0.48 -1.22
N GLY A 315 14.18 1.34 -0.32
CA GLY A 315 14.78 1.44 0.99
C GLY A 315 15.73 2.61 1.11
N ARG A 316 15.57 3.64 0.25
CA ARG A 316 16.62 4.65 0.14
C ARG A 316 16.39 5.86 1.03
N LEU A 317 15.25 5.86 1.74
CA LEU A 317 15.00 6.89 2.74
C LEU A 317 15.19 6.31 4.14
N ALA A 318 16.03 6.97 4.94
CA ALA A 318 16.34 6.47 6.27
C ALA A 318 15.09 6.36 7.16
N ALA A 319 15.07 5.27 7.95
CA ALA A 319 13.88 4.78 8.63
C ALA A 319 13.25 5.85 9.54
N ASP A 320 14.12 6.71 10.11
CA ASP A 320 13.72 7.76 11.02
C ASP A 320 14.02 9.12 10.42
N ALA A 321 13.42 9.37 9.29
CA ALA A 321 13.59 10.62 8.60
C ALA A 321 12.69 11.69 9.19
N ASP A 322 13.27 12.81 9.66
CA ASP A 322 12.48 13.94 10.11
C ASP A 322 11.61 14.38 8.95
N GLU A 323 10.78 15.39 9.19
CA GLU A 323 10.07 16.03 8.10
C GLU A 323 11.03 16.46 6.98
N ASP A 324 12.09 17.18 7.38
CA ASP A 324 13.00 17.82 6.46
C ASP A 324 13.73 16.76 5.66
N ALA A 325 14.26 15.72 6.31
CA ALA A 325 14.84 14.61 5.56
C ALA A 325 13.91 14.05 4.48
N VAL A 326 12.59 14.15 4.70
CA VAL A 326 11.63 13.60 3.75
C VAL A 326 11.53 14.54 2.58
N SER A 327 11.38 15.83 2.90
CA SER A 327 11.21 16.81 1.85
C SER A 327 12.50 16.88 1.03
N ARG A 328 13.67 16.60 1.62
CA ARG A 328 14.92 16.40 0.89
C ARG A 328 14.82 15.18 -0.05
N PHE A 329 14.27 14.07 0.37
CA PHE A 329 14.20 12.90 -0.50
C PHE A 329 13.32 13.20 -1.70
N VAL A 330 12.23 13.95 -1.48
CA VAL A 330 11.26 14.23 -2.53
C VAL A 330 11.92 15.10 -3.58
N GLU A 331 12.53 16.19 -3.07
CA GLU A 331 13.30 17.19 -3.82
C GLU A 331 14.22 16.46 -4.80
N GLU A 332 15.01 15.51 -4.27
CA GLU A 332 15.96 14.76 -5.05
C GLU A 332 15.27 13.86 -6.06
N ALA A 333 14.11 13.27 -5.76
CA ALA A 333 13.43 12.36 -6.69
C ALA A 333 12.84 13.12 -7.88
N LEU A 334 12.46 14.35 -7.55
CA LEU A 334 12.00 15.28 -8.55
C LEU A 334 13.13 15.73 -9.46
N ARG A 335 14.36 15.86 -8.90
CA ARG A 335 15.53 16.08 -9.75
C ARG A 335 15.75 14.81 -10.58
N TYR A 336 15.81 13.66 -9.94
CA TYR A 336 16.40 12.51 -10.58
C TYR A 336 15.44 11.77 -11.48
N HIS A 337 14.14 11.97 -11.30
CA HIS A 337 13.14 11.27 -12.09
C HIS A 337 12.09 12.25 -12.58
N PRO A 338 12.46 13.29 -13.34
CA PRO A 338 11.49 14.23 -13.86
C PRO A 338 10.61 13.44 -14.80
N PRO A 339 9.28 13.62 -14.68
CA PRO A 339 8.33 12.94 -15.54
C PRO A 339 8.22 13.61 -16.91
N VAL A 340 8.57 14.91 -16.99
CA VAL A 340 8.49 15.64 -18.24
C VAL A 340 9.92 15.88 -18.76
N PRO A 341 10.30 15.25 -19.91
CA PRO A 341 11.67 15.32 -20.40
C PRO A 341 12.17 16.69 -20.89
N TYR A 342 11.34 17.34 -21.73
CA TYR A 342 11.62 18.67 -22.30
C TYR A 342 10.45 19.60 -22.01
N THR A 343 10.69 20.93 -22.05
CA THR A 343 9.61 21.89 -21.92
C THR A 343 8.56 21.70 -23.01
N LEU A 344 7.47 22.44 -22.87
CA LEU A 344 6.47 22.41 -23.91
C LEU A 344 6.97 23.20 -25.10
N TRP A 345 6.53 22.75 -26.27
CA TRP A 345 6.80 23.40 -27.53
C TRP A 345 6.62 24.89 -27.35
N ARG A 346 7.76 25.58 -27.59
CA ARG A 346 7.85 27.02 -27.81
C ARG A 346 8.44 27.35 -29.19
N PHE A 347 8.03 28.50 -29.77
CA PHE A 347 8.45 28.93 -31.11
C PHE A 347 9.03 30.35 -31.05
N ALA A 348 10.16 30.54 -31.75
CA ALA A 348 10.69 31.88 -32.05
C ALA A 348 9.71 32.77 -32.83
N ALA A 349 9.38 33.94 -32.27
CA ALA A 349 8.26 34.74 -32.75
C ALA A 349 8.76 35.70 -33.82
N THR A 350 10.09 35.93 -33.73
CA THR A 350 10.91 36.53 -34.75
C THR A 350 12.07 35.56 -35.04
N GLU A 351 13.10 36.05 -35.74
CA GLU A 351 14.41 35.41 -35.70
C GLU A 351 15.12 35.89 -34.43
N VAL A 352 15.93 34.99 -33.88
CA VAL A 352 16.67 35.31 -32.68
C VAL A 352 17.97 34.54 -32.67
N THR A 353 18.97 35.13 -32.00
CA THR A 353 20.26 34.47 -31.89
C THR A 353 20.58 34.25 -30.41
N ILE A 354 20.88 32.98 -30.09
CA ILE A 354 20.75 32.40 -28.74
C ILE A 354 21.91 31.43 -28.58
N GLY A 355 22.76 31.66 -27.56
CA GLY A 355 24.07 31.03 -27.53
C GLY A 355 24.72 30.94 -28.93
N GLY A 356 24.95 32.08 -29.59
CA GLY A 356 25.78 32.09 -30.80
C GLY A 356 25.15 31.31 -31.95
N VAL A 357 23.89 30.93 -31.79
CA VAL A 357 23.15 30.28 -32.87
C VAL A 357 22.00 31.20 -33.23
N ARG A 358 21.65 31.14 -34.53
CA ARG A 358 20.67 31.99 -35.15
C ARG A 358 19.50 31.13 -35.52
N LEU A 359 18.35 31.49 -34.93
CA LEU A 359 17.14 30.70 -34.99
C LEU A 359 16.10 31.41 -35.84
N PRO A 360 15.63 30.73 -36.89
CA PRO A 360 14.61 31.31 -37.76
C PRO A 360 13.31 31.68 -37.05
N ARG A 361 12.46 32.42 -37.73
CA ARG A 361 11.11 32.55 -37.30
C ARG A 361 10.52 31.15 -37.26
N GLY A 362 9.70 30.90 -36.24
CA GLY A 362 8.97 29.65 -36.04
C GLY A 362 9.88 28.47 -35.75
N ALA A 363 11.03 28.76 -35.16
CA ALA A 363 11.91 27.67 -34.83
C ALA A 363 11.34 26.97 -33.60
N PRO A 364 10.98 25.67 -33.71
CA PRO A 364 10.58 24.87 -32.56
C PRO A 364 11.74 24.65 -31.60
N VAL A 365 11.59 25.21 -30.39
CA VAL A 365 12.58 25.16 -29.31
C VAL A 365 12.04 24.40 -28.07
N LEU A 366 12.91 23.54 -27.52
CA LEU A 366 12.73 22.75 -26.31
C LEU A 366 13.82 23.07 -25.28
N VAL A 367 13.47 23.09 -23.98
CA VAL A 367 14.48 22.99 -22.93
C VAL A 367 14.63 21.54 -22.56
N ASP A 368 15.85 21.10 -22.28
CA ASP A 368 16.05 19.75 -21.79
C ASP A 368 16.05 19.70 -20.26
N ILE A 369 14.93 19.23 -19.73
CA ILE A 369 14.74 19.14 -18.27
C ILE A 369 15.50 17.94 -17.70
N GLU A 370 15.27 16.78 -18.34
CA GLU A 370 15.94 15.56 -17.95
C GLU A 370 17.47 15.72 -17.96
N GLY A 371 18.01 16.29 -19.10
CA GLY A 371 19.44 16.53 -19.30
C GLY A 371 19.99 17.51 -18.26
N THR A 372 19.38 18.72 -18.17
CA THR A 372 19.89 19.74 -17.24
C THR A 372 19.93 19.24 -15.79
N ASN A 373 18.88 18.53 -15.42
CA ASN A 373 18.83 17.94 -14.10
C ASN A 373 19.89 16.85 -13.92
N THR A 374 20.39 16.22 -15.01
CA THR A 374 21.49 15.24 -14.93
C THR A 374 22.78 15.72 -15.63
N ASP A 375 23.19 16.91 -15.23
CA ASP A 375 24.37 17.53 -15.76
C ASP A 375 25.51 17.37 -14.79
N GLY A 376 26.35 16.36 -15.00
CA GLY A 376 27.63 16.27 -14.30
C GLY A 376 28.28 17.61 -13.92
N ARG A 377 28.18 18.63 -14.77
CA ARG A 377 28.80 19.92 -14.54
C ARG A 377 28.20 20.65 -13.35
N HIS A 378 26.88 20.63 -13.17
CA HIS A 378 26.26 21.44 -12.13
C HIS A 378 25.80 20.58 -10.97
N HIS A 379 25.86 19.26 -11.12
CA HIS A 379 25.38 18.36 -10.09
C HIS A 379 26.41 17.25 -9.96
N ASP A 380 27.09 17.23 -8.81
CA ASP A 380 28.09 16.22 -8.52
C ASP A 380 27.44 14.84 -8.40
N ALA A 381 27.86 13.93 -9.28
CA ALA A 381 27.37 12.55 -9.42
C ALA A 381 25.91 12.55 -9.85
N PRO A 382 25.61 13.05 -11.05
CA PRO A 382 24.22 13.39 -11.41
C PRO A 382 23.27 12.21 -11.55
N HIS A 383 23.80 11.02 -11.85
CA HIS A 383 22.94 9.86 -12.07
C HIS A 383 22.93 8.99 -10.82
N ALA A 384 23.51 9.51 -9.73
CA ALA A 384 23.36 8.93 -8.42
C ALA A 384 22.19 9.63 -7.75
N PHE A 385 21.56 8.88 -6.83
CA PHE A 385 20.44 9.40 -6.07
C PHE A 385 20.95 9.74 -4.70
N HIS A 386 21.06 11.04 -4.38
CA HIS A 386 21.66 11.50 -3.15
C HIS A 386 20.77 12.59 -2.57
N PRO A 387 19.96 12.27 -1.55
CA PRO A 387 19.12 13.27 -0.94
C PRO A 387 19.95 14.40 -0.30
N ASP A 388 21.04 14.04 0.35
CA ASP A 388 21.83 15.00 1.11
C ASP A 388 22.69 15.88 0.21
N ARG A 389 22.41 15.85 -1.08
CA ARG A 389 23.16 16.63 -2.05
C ARG A 389 23.10 18.12 -1.69
N PRO A 390 24.12 18.94 -2.04
CA PRO A 390 24.01 20.39 -1.78
C PRO A 390 22.88 21.01 -2.58
N SER A 391 21.76 21.27 -1.85
CA SER A 391 20.44 21.64 -2.40
C SER A 391 20.59 22.65 -3.53
N TRP A 392 20.45 22.16 -4.77
CA TRP A 392 20.66 22.99 -5.94
C TRP A 392 19.37 22.95 -6.78
N ARG A 393 19.37 23.83 -7.80
CA ARG A 393 18.24 24.17 -8.64
C ARG A 393 18.06 23.11 -9.72
N ARG A 394 16.81 23.01 -10.21
CA ARG A 394 16.46 22.07 -11.26
C ARG A 394 15.35 22.70 -12.13
N LEU A 395 14.96 22.02 -13.21
CA LEU A 395 13.96 22.57 -14.09
C LEU A 395 12.73 21.68 -14.21
N THR A 396 12.42 20.90 -13.18
CA THR A 396 11.43 19.82 -13.32
C THR A 396 10.02 20.39 -13.48
N PHE A 397 9.81 21.53 -12.81
CA PHE A 397 8.58 22.32 -12.87
C PHE A 397 8.68 23.50 -13.83
N GLY A 398 9.79 23.58 -14.55
CA GLY A 398 10.01 24.67 -15.51
C GLY A 398 10.44 25.96 -14.82
N ASP A 399 10.32 27.08 -15.57
CA ASP A 399 10.75 28.41 -15.13
C ASP A 399 10.06 29.47 -15.98
N GLY A 400 10.16 30.67 -15.44
CA GLY A 400 9.61 31.80 -16.13
C GLY A 400 8.12 31.89 -15.92
N PRO A 401 7.39 32.65 -16.78
CA PRO A 401 5.99 32.96 -16.51
C PRO A 401 5.04 31.76 -16.53
N HIS A 402 5.48 30.63 -17.09
CA HIS A 402 4.70 29.41 -17.22
C HIS A 402 5.06 28.28 -16.20
N TYR A 403 5.70 28.64 -15.06
CA TYR A 403 6.09 27.72 -13.99
C TYR A 403 4.90 26.84 -13.64
N CYS A 404 5.03 25.54 -13.40
CA CYS A 404 3.92 24.75 -12.82
C CYS A 404 3.26 25.42 -11.60
N ILE A 405 1.93 25.67 -11.71
CA ILE A 405 1.11 26.12 -10.58
C ILE A 405 0.78 24.97 -9.62
N GLY A 406 1.09 23.73 -9.99
CA GLY A 406 0.87 22.59 -9.14
C GLY A 406 2.06 22.21 -8.26
N GLU A 407 3.19 22.92 -8.32
CA GLU A 407 4.34 22.46 -7.55
C GLU A 407 3.92 22.14 -6.13
N GLN A 408 3.40 23.13 -5.40
CA GLN A 408 2.96 22.93 -4.03
C GLN A 408 2.10 21.68 -3.84
N LEU A 409 1.04 21.55 -4.64
CA LEU A 409 0.17 20.39 -4.59
C LEU A 409 0.97 19.12 -4.77
N ALA A 410 1.70 19.00 -5.86
CA ALA A 410 2.43 17.77 -6.13
C ALA A 410 3.39 17.41 -4.99
N GLN A 411 3.97 18.42 -4.34
CA GLN A 411 4.89 18.15 -3.27
C GLN A 411 4.17 17.76 -1.99
N LEU A 412 3.11 18.53 -1.65
CA LEU A 412 2.14 18.17 -0.64
C LEU A 412 1.70 16.73 -0.85
N GLU A 413 1.25 16.40 -2.06
CA GLU A 413 0.82 15.03 -2.29
C GLU A 413 1.98 14.05 -2.04
N SER A 414 3.17 14.48 -2.38
CA SER A 414 4.31 13.58 -2.35
C SER A 414 4.72 13.29 -0.93
N ARG A 415 4.75 14.33 -0.11
CA ARG A 415 5.19 14.20 1.26
C ARG A 415 4.18 13.37 2.05
N THR A 416 2.90 13.77 1.87
CA THR A 416 1.80 13.13 2.57
C THR A 416 1.76 11.65 2.24
N MET A 417 1.94 11.28 0.96
CA MET A 417 1.96 9.89 0.52
C MET A 417 3.03 9.09 1.25
N ILE A 418 4.14 9.74 1.58
CA ILE A 418 5.26 9.01 2.13
C ILE A 418 5.01 8.83 3.64
N GLY A 419 4.27 9.78 4.22
CA GLY A 419 3.82 9.69 5.60
C GLY A 419 2.85 8.53 5.84
N VAL A 420 1.83 8.46 4.99
CA VAL A 420 0.92 7.35 4.98
C VAL A 420 1.69 6.05 4.83
N LEU A 421 2.71 6.00 3.97
CA LEU A 421 3.33 4.72 3.72
C LEU A 421 4.16 4.26 4.90
N ARG A 422 4.86 5.18 5.51
CA ARG A 422 5.78 4.72 6.53
C ARG A 422 5.02 4.65 7.86
N SER A 423 3.88 5.35 8.02
CA SER A 423 3.11 5.22 9.25
C SER A 423 2.12 4.06 9.21
N ARG A 424 1.64 3.64 8.04
CA ARG A 424 0.63 2.59 8.00
C ARG A 424 1.10 1.39 7.20
N PHE A 425 2.18 1.50 6.42
CA PHE A 425 2.63 0.37 5.61
C PHE A 425 4.12 0.22 5.80
N PRO A 426 4.60 0.20 7.05
CA PRO A 426 6.01 0.26 7.35
C PRO A 426 6.84 -0.82 6.65
N GLU A 427 6.26 -1.96 6.26
CA GLU A 427 7.10 -3.04 5.75
C GLU A 427 6.96 -3.15 4.24
N ALA A 428 6.39 -2.12 3.62
CA ALA A 428 6.17 -2.13 2.18
C ALA A 428 7.50 -2.12 1.41
N ARG A 429 7.61 -3.07 0.47
CA ARG A 429 8.85 -3.39 -0.17
C ARG A 429 8.59 -3.84 -1.59
N LEU A 430 9.57 -3.60 -2.46
CA LEU A 430 9.44 -3.98 -3.84
C LEU A 430 9.34 -5.50 -3.91
N ALA A 431 8.40 -5.97 -4.72
CA ALA A 431 8.27 -7.40 -4.91
C ALA A 431 9.20 -7.85 -6.02
N VAL A 432 9.99 -6.93 -6.58
CA VAL A 432 11.06 -7.32 -7.47
C VAL A 432 12.26 -6.44 -7.17
N PRO A 433 13.48 -6.77 -7.70
CA PRO A 433 14.64 -5.93 -7.52
C PRO A 433 14.55 -4.60 -8.27
N TYR A 434 15.03 -3.54 -7.61
CA TYR A 434 15.10 -2.23 -8.23
C TYR A 434 15.76 -2.30 -9.61
N ASP A 435 16.78 -3.16 -9.78
CA ASP A 435 17.54 -3.19 -11.02
C ASP A 435 16.71 -3.79 -12.15
N GLU A 436 15.55 -4.38 -11.84
CA GLU A 436 14.78 -5.05 -12.89
C GLU A 436 13.61 -4.16 -13.30
N LEU A 437 13.33 -3.13 -12.50
CA LEU A 437 12.37 -2.12 -12.91
C LEU A 437 12.76 -1.50 -14.25
N ARG A 438 11.77 -1.02 -15.00
CA ARG A 438 11.98 -0.44 -16.32
C ARG A 438 10.97 0.66 -16.55
N TRP A 439 11.39 1.74 -17.20
CA TRP A 439 10.50 2.86 -17.48
C TRP A 439 10.68 3.33 -18.91
N CYS A 440 9.67 4.02 -19.42
CA CYS A 440 9.62 4.38 -20.82
C CYS A 440 8.68 5.55 -21.03
N ARG A 441 8.73 6.18 -22.23
CA ARG A 441 7.79 7.21 -22.70
C ARG A 441 7.71 7.17 -24.21
N LYS A 442 6.51 7.33 -24.76
CA LYS A 442 6.31 7.34 -26.21
C LYS A 442 5.94 8.78 -26.56
N GLY A 443 6.90 9.50 -27.18
CA GLY A 443 6.71 10.87 -27.58
C GLY A 443 6.40 11.80 -26.41
N ALA A 444 5.24 12.44 -26.47
CA ALA A 444 5.00 13.61 -25.64
C ALA A 444 4.43 13.20 -24.31
N GLN A 445 4.28 11.87 -24.14
CA GLN A 445 3.79 11.29 -22.90
C GLN A 445 4.86 11.39 -21.82
N THR A 446 4.40 11.56 -20.58
CA THR A 446 5.31 11.63 -19.46
C THR A 446 5.99 10.29 -19.30
N ALA A 447 7.24 10.32 -18.82
CA ALA A 447 7.95 9.11 -18.40
C ALA A 447 7.20 8.37 -17.28
N ARG A 448 7.23 7.03 -17.36
CA ARG A 448 6.59 6.24 -16.34
C ARG A 448 7.11 4.81 -16.31
N LEU A 449 7.06 4.19 -15.12
CA LEU A 449 7.45 2.80 -14.99
C LEU A 449 6.43 1.92 -15.70
N THR A 450 6.92 0.81 -16.27
CA THR A 450 6.07 -0.18 -16.93
C THR A 450 5.12 -0.76 -15.88
N GLU A 451 5.68 -0.92 -14.68
CA GLU A 451 4.95 -1.52 -13.57
C GLU A 451 5.74 -1.26 -12.30
N LEU A 452 5.12 -1.56 -11.17
CA LEU A 452 5.80 -1.47 -9.89
C LEU A 452 5.17 -2.51 -8.95
N PRO A 453 5.56 -3.79 -9.05
CA PRO A 453 5.06 -4.82 -8.14
C PRO A 453 5.49 -4.56 -6.71
N VAL A 454 4.56 -4.55 -5.76
CA VAL A 454 4.92 -4.24 -4.37
C VAL A 454 4.19 -5.18 -3.41
N TRP A 455 4.88 -5.60 -2.33
CA TRP A 455 4.23 -6.21 -1.16
C TRP A 455 4.03 -5.11 -0.11
N LEU A 456 2.78 -4.71 0.13
CA LEU A 456 2.55 -3.53 0.92
C LEU A 456 2.66 -3.85 2.40
N ARG A 457 2.59 -5.15 2.71
CA ARG A 457 2.73 -5.60 4.09
C ARG A 457 3.12 -7.09 4.11
N GLY B 38 -12.27 11.70 34.19
CA GLY B 38 -12.84 10.93 33.05
C GLY B 38 -12.49 9.44 33.07
N GLU B 39 -13.34 8.59 33.66
CA GLU B 39 -13.05 7.19 33.59
C GLU B 39 -14.11 6.54 32.74
N ALA B 40 -13.87 5.26 32.53
CA ALA B 40 -14.43 4.57 31.39
C ALA B 40 -15.78 4.01 31.77
N PRO B 41 -16.74 3.95 30.83
CA PRO B 41 -17.90 3.08 31.04
C PRO B 41 -17.42 1.68 31.45
N ARG B 42 -17.87 1.18 32.63
CA ARG B 42 -17.37 -0.09 33.18
C ARG B 42 -18.41 -1.22 33.05
N VAL B 43 -17.90 -2.41 32.71
CA VAL B 43 -18.67 -3.63 32.54
C VAL B 43 -17.94 -4.76 33.24
N ALA B 44 -18.44 -5.20 34.42
CA ALA B 44 -17.70 -6.07 35.34
C ALA B 44 -17.74 -7.54 34.93
N VAL B 45 -16.83 -7.94 34.03
CA VAL B 45 -16.86 -9.26 33.43
C VAL B 45 -15.55 -9.47 32.65
N ASP B 46 -15.14 -10.74 32.56
CA ASP B 46 -13.99 -11.16 31.76
C ASP B 46 -14.35 -10.98 30.30
N PRO B 47 -13.60 -10.17 29.51
CA PRO B 47 -13.86 -10.07 28.07
C PRO B 47 -13.62 -11.38 27.33
N PHE B 48 -12.81 -12.27 27.93
CA PHE B 48 -12.47 -13.56 27.35
C PHE B 48 -13.53 -14.60 27.71
N ALA B 49 -14.64 -14.16 28.35
CA ALA B 49 -15.79 -15.00 28.70
C ALA B 49 -16.59 -15.38 27.45
N CYS B 50 -16.66 -16.70 27.23
CA CYS B 50 -17.15 -17.28 26.01
C CYS B 50 -18.02 -18.50 26.32
N PRO B 51 -19.37 -18.42 26.30
CA PRO B 51 -20.20 -19.61 26.40
C PRO B 51 -19.97 -20.51 25.19
N MET B 52 -20.54 -21.72 25.18
CA MET B 52 -20.43 -22.59 24.03
C MET B 52 -21.29 -21.92 22.98
N MET B 53 -20.79 -21.80 21.76
CA MET B 53 -21.28 -20.81 20.81
C MET B 53 -21.72 -21.49 19.51
N THR B 54 -22.70 -20.86 18.89
CA THR B 54 -23.22 -21.35 17.64
C THR B 54 -22.48 -20.57 16.53
N MET B 55 -22.47 -21.13 15.31
CA MET B 55 -21.59 -20.71 14.23
C MET B 55 -21.90 -19.26 13.88
N GLN B 56 -23.18 -18.93 13.95
CA GLN B 56 -23.63 -17.68 13.38
C GLN B 56 -23.58 -16.53 14.34
N ARG B 57 -23.19 -16.78 15.59
CA ARG B 57 -23.33 -15.75 16.62
C ARG B 57 -21.97 -15.47 17.25
N LYS B 58 -21.90 -14.33 17.94
CA LYS B 58 -20.69 -13.89 18.63
C LYS B 58 -21.03 -13.47 20.06
N PRO B 59 -20.19 -13.77 21.08
CA PRO B 59 -20.49 -13.43 22.47
C PRO B 59 -21.03 -12.03 22.69
N GLU B 60 -21.88 -11.93 23.71
CA GLU B 60 -22.68 -10.74 23.91
C GLU B 60 -21.82 -9.65 24.52
N VAL B 61 -20.81 -10.05 25.27
CA VAL B 61 -19.89 -9.08 25.86
C VAL B 61 -19.55 -8.01 24.79
N HIS B 62 -19.40 -8.39 23.49
CA HIS B 62 -19.00 -7.49 22.41
C HIS B 62 -20.01 -6.35 22.22
N ASP B 63 -21.28 -6.69 21.99
CA ASP B 63 -22.32 -5.69 21.86
C ASP B 63 -22.39 -4.79 23.11
N ALA B 64 -22.21 -5.41 24.29
CA ALA B 64 -22.13 -4.67 25.54
C ALA B 64 -21.11 -3.55 25.40
N PHE B 65 -19.83 -3.96 25.35
CA PHE B 65 -18.70 -3.04 25.33
C PHE B 65 -19.03 -1.91 24.37
N ARG B 66 -19.34 -2.29 23.11
CA ARG B 66 -19.61 -1.33 22.04
C ARG B 66 -20.64 -0.28 22.47
N GLU B 67 -21.77 -0.70 23.03
CA GLU B 67 -22.76 0.29 23.41
C GLU B 67 -22.20 1.18 24.50
N ALA B 68 -21.46 0.59 25.46
CA ALA B 68 -20.93 1.30 26.62
C ALA B 68 -20.02 2.47 26.21
N GLY B 69 -19.18 2.26 25.18
CA GLY B 69 -18.40 3.34 24.58
C GLY B 69 -17.15 2.89 23.82
N PRO B 70 -16.39 3.80 23.15
CA PRO B 70 -15.11 3.45 22.52
C PRO B 70 -14.18 2.68 23.47
N VAL B 71 -14.19 3.04 24.76
CA VAL B 71 -13.28 2.50 25.76
C VAL B 71 -14.09 2.08 26.99
N VAL B 72 -13.91 0.83 27.37
CA VAL B 72 -14.67 0.24 28.44
C VAL B 72 -13.71 -0.38 29.45
N GLU B 73 -13.79 0.10 30.69
CA GLU B 73 -13.12 -0.62 31.76
C GLU B 73 -13.81 -1.98 31.93
N VAL B 74 -13.07 -2.98 32.41
CA VAL B 74 -13.56 -4.35 32.51
C VAL B 74 -12.55 -5.16 33.32
N ASN B 75 -12.96 -6.36 33.78
CA ASN B 75 -12.20 -7.17 34.73
C ASN B 75 -11.11 -7.97 33.98
N ALA B 76 -9.88 -7.86 34.46
CA ALA B 76 -8.86 -8.70 33.89
C ALA B 76 -9.00 -10.07 34.52
N PRO B 77 -8.84 -11.19 33.77
CA PRO B 77 -8.89 -12.52 34.34
C PRO B 77 -8.04 -12.74 35.58
N ALA B 78 -6.76 -12.29 35.54
CA ALA B 78 -5.85 -12.49 36.66
C ALA B 78 -5.87 -11.32 37.66
N GLY B 79 -6.98 -10.58 37.69
CA GLY B 79 -7.18 -9.50 38.65
C GLY B 79 -6.79 -8.13 38.08
N GLY B 80 -7.51 -7.11 38.56
CA GLY B 80 -7.19 -5.74 38.23
C GLY B 80 -8.02 -5.26 37.06
N PRO B 81 -8.10 -3.92 36.87
CA PRO B 81 -8.86 -3.37 35.76
C PRO B 81 -8.18 -3.73 34.45
N ALA B 82 -8.96 -3.59 33.36
CA ALA B 82 -8.48 -3.60 31.99
C ALA B 82 -9.41 -2.73 31.15
N TRP B 83 -8.91 -2.14 30.05
CA TRP B 83 -9.73 -1.30 29.18
C TRP B 83 -9.80 -1.95 27.80
N VAL B 84 -10.88 -1.67 27.06
CA VAL B 84 -11.19 -2.40 25.84
C VAL B 84 -11.63 -1.40 24.77
N ILE B 85 -11.04 -1.53 23.58
CA ILE B 85 -11.30 -0.63 22.47
C ILE B 85 -12.37 -1.25 21.59
N THR B 86 -13.31 -0.42 21.13
CA THR B 86 -14.47 -0.93 20.39
C THR B 86 -14.54 -0.30 19.02
N ASP B 87 -13.75 0.72 18.76
CA ASP B 87 -13.96 1.41 17.51
C ASP B 87 -12.83 1.02 16.57
N ASP B 88 -13.15 0.84 15.29
CA ASP B 88 -12.17 0.40 14.31
C ASP B 88 -11.02 1.41 14.26
N ALA B 89 -11.38 2.65 13.92
CA ALA B 89 -10.43 3.73 13.77
C ALA B 89 -9.59 3.87 15.02
N LEU B 90 -10.24 4.01 16.18
CA LEU B 90 -9.55 4.23 17.44
C LEU B 90 -8.44 3.19 17.59
N ALA B 91 -8.83 1.92 17.58
CA ALA B 91 -7.90 0.82 17.76
C ALA B 91 -6.71 0.94 16.80
N ARG B 92 -6.93 1.35 15.54
CA ARG B 92 -5.86 1.43 14.57
C ARG B 92 -4.78 2.41 15.06
N GLU B 93 -5.24 3.59 15.48
CA GLU B 93 -4.35 4.60 16.00
C GLU B 93 -3.64 4.08 17.23
N VAL B 94 -4.37 3.48 18.17
CA VAL B 94 -3.75 2.95 19.38
C VAL B 94 -2.55 2.06 19.01
N LEU B 95 -2.67 1.27 17.94
CA LEU B 95 -1.73 0.19 17.68
C LEU B 95 -0.51 0.73 16.93
N ALA B 96 -0.66 1.90 16.31
CA ALA B 96 0.47 2.70 15.84
C ALA B 96 0.88 3.74 16.88
N ASP B 97 0.56 3.58 18.17
CA ASP B 97 0.85 4.60 19.17
C ASP B 97 1.85 4.05 20.19
N PRO B 98 3.08 4.58 20.18
CA PRO B 98 4.19 4.03 20.97
C PRO B 98 3.99 3.98 22.49
N ARG B 99 3.00 4.70 23.03
CA ARG B 99 2.77 4.64 24.47
C ARG B 99 2.04 3.35 24.86
N PHE B 100 1.74 2.46 23.88
CA PHE B 100 1.07 1.20 24.17
C PHE B 100 1.99 0.09 23.69
N VAL B 101 2.51 -0.63 24.68
CA VAL B 101 3.72 -1.43 24.55
C VAL B 101 3.41 -2.86 24.97
N LYS B 102 4.28 -3.80 24.62
CA LYS B 102 4.08 -5.20 24.95
C LYS B 102 4.82 -5.48 26.27
N ASP B 103 5.52 -4.49 26.80
CA ASP B 103 6.46 -4.83 27.85
C ASP B 103 5.71 -5.69 28.87
N PRO B 104 6.01 -7.01 28.94
CA PRO B 104 5.41 -7.88 29.95
C PRO B 104 5.75 -7.48 31.37
N ASP B 105 6.79 -6.65 31.56
CA ASP B 105 7.15 -6.20 32.90
C ASP B 105 6.24 -5.05 33.37
N LEU B 106 5.43 -4.44 32.50
CA LEU B 106 4.49 -3.44 33.00
C LEU B 106 3.20 -4.04 33.56
N ALA B 107 3.10 -5.38 33.54
CA ALA B 107 1.86 -6.08 33.86
C ALA B 107 1.68 -6.20 35.37
N PRO B 108 0.43 -6.18 35.93
CA PRO B 108 0.24 -6.39 37.36
C PRO B 108 0.96 -7.62 37.87
N ALA B 109 1.65 -7.47 39.01
CA ALA B 109 2.47 -8.52 39.61
C ALA B 109 1.65 -9.80 39.75
N ALA B 110 0.37 -9.63 40.18
CA ALA B 110 -0.59 -10.72 40.33
C ALA B 110 -0.70 -11.57 39.06
N TRP B 111 -0.35 -10.99 37.89
CA TRP B 111 -0.42 -11.76 36.66
C TRP B 111 0.76 -12.71 36.56
N ARG B 112 1.91 -12.38 37.15
CA ARG B 112 3.08 -13.22 36.96
C ARG B 112 2.78 -14.61 37.48
N GLY B 113 3.01 -15.62 36.63
CA GLY B 113 2.85 -17.02 37.00
C GLY B 113 1.40 -17.37 37.36
N VAL B 114 0.42 -16.81 36.62
CA VAL B 114 -1.00 -17.09 36.81
C VAL B 114 -1.79 -16.85 35.50
N ASP B 115 -1.61 -15.69 34.84
CA ASP B 115 -2.48 -15.34 33.73
C ASP B 115 -2.03 -16.00 32.45
N ASP B 116 -1.01 -16.88 32.40
CA ASP B 116 -0.80 -17.74 31.24
C ASP B 116 -1.00 -17.02 29.87
N GLY B 117 -2.10 -16.25 29.73
CA GLY B 117 -2.26 -15.31 28.63
C GLY B 117 -1.38 -14.08 28.75
N LEU B 118 -0.56 -13.99 29.81
CA LEU B 118 0.56 -13.08 29.86
C LEU B 118 1.77 -13.70 29.15
N ASP B 119 2.18 -13.04 28.05
CA ASP B 119 3.31 -13.44 27.22
C ASP B 119 4.60 -12.78 27.72
N ILE B 120 5.34 -13.45 28.61
CA ILE B 120 6.47 -12.84 29.30
C ILE B 120 7.66 -13.78 29.21
N PRO B 121 8.52 -13.65 28.17
CA PRO B 121 9.77 -14.40 28.14
C PRO B 121 10.71 -13.87 29.22
N VAL B 122 11.60 -14.74 29.68
CA VAL B 122 12.68 -14.24 30.53
C VAL B 122 13.27 -12.99 29.88
N PRO B 123 13.86 -12.03 30.62
CA PRO B 123 14.43 -10.79 30.05
C PRO B 123 15.40 -10.96 28.86
N GLU B 124 16.21 -12.03 28.92
CA GLU B 124 17.28 -12.29 27.97
C GLU B 124 16.82 -12.91 26.65
N LEU B 125 15.53 -13.29 26.56
CA LEU B 125 15.01 -13.83 25.32
C LEU B 125 13.95 -12.90 24.74
N ARG B 126 13.67 -11.79 25.43
CA ARG B 126 12.67 -10.85 24.94
C ARG B 126 13.12 -10.13 23.67
N PRO B 127 14.43 -9.84 23.47
CA PRO B 127 14.93 -9.33 22.19
C PRO B 127 14.77 -10.27 20.99
N PHE B 128 14.49 -11.58 21.22
CA PHE B 128 14.19 -12.48 20.13
C PHE B 128 12.69 -12.83 20.02
N THR B 129 11.81 -12.09 20.73
CA THR B 129 10.36 -12.36 20.68
C THR B 129 9.56 -11.19 20.10
N LEU B 130 9.15 -11.33 18.83
CA LEU B 130 8.40 -10.29 18.16
C LEU B 130 7.39 -9.62 19.08
N ILE B 131 6.55 -10.44 19.75
CA ILE B 131 5.39 -10.00 20.53
C ILE B 131 5.77 -9.33 21.86
N ALA B 132 7.03 -9.48 22.30
CA ALA B 132 7.48 -8.98 23.58
C ALA B 132 8.22 -7.65 23.51
N VAL B 133 8.46 -7.12 22.30
CA VAL B 133 9.25 -5.91 22.18
C VAL B 133 8.60 -4.89 21.26
N ASP B 134 9.12 -3.68 21.40
CA ASP B 134 8.60 -2.53 20.73
C ASP B 134 9.80 -1.63 20.50
N GLY B 135 9.77 -0.80 19.47
CA GLY B 135 10.92 0.03 19.15
C GLY B 135 11.95 -0.73 18.31
N GLU B 136 13.24 -0.33 18.42
CA GLU B 136 14.26 -0.78 17.49
C GLU B 136 14.41 -2.30 17.59
N ALA B 137 14.28 -2.81 18.83
CA ALA B 137 14.34 -4.24 19.11
C ALA B 137 13.32 -5.00 18.25
N HIS B 138 12.20 -4.31 17.94
CA HIS B 138 11.08 -4.88 17.22
C HIS B 138 11.33 -4.75 15.72
N ARG B 139 11.78 -3.57 15.31
CA ARG B 139 12.16 -3.33 13.91
C ARG B 139 13.26 -4.30 13.48
N ARG B 140 14.24 -4.51 14.34
CA ARG B 140 15.20 -5.53 14.05
C ARG B 140 14.52 -6.84 13.66
N LEU B 141 13.59 -7.33 14.51
CA LEU B 141 13.03 -8.68 14.38
C LEU B 141 12.13 -8.75 13.16
N ARG B 142 11.51 -7.62 12.82
CA ARG B 142 10.73 -7.53 11.59
C ARG B 142 11.63 -7.58 10.33
N ARG B 143 12.77 -6.90 10.40
CA ARG B 143 13.70 -6.99 9.30
C ARG B 143 14.17 -8.41 9.13
N ILE B 144 14.34 -9.11 10.24
CA ILE B 144 14.92 -10.44 10.20
C ILE B 144 13.96 -11.41 9.51
N HIS B 145 12.67 -11.20 9.78
CA HIS B 145 11.62 -12.17 9.46
C HIS B 145 11.09 -11.95 8.04
N ALA B 146 11.18 -10.69 7.59
CA ALA B 146 10.49 -10.23 6.39
C ALA B 146 10.96 -10.99 5.16
N PRO B 147 12.27 -11.15 4.90
CA PRO B 147 12.78 -11.99 3.82
C PRO B 147 12.43 -13.48 3.94
N ALA B 148 12.25 -13.95 5.19
CA ALA B 148 11.95 -15.35 5.50
C ALA B 148 10.56 -15.70 5.00
N PHE B 149 9.70 -14.68 5.01
CA PHE B 149 8.28 -14.81 4.73
C PHE B 149 7.91 -14.21 3.38
N ASN B 150 8.95 -14.11 2.55
CA ASN B 150 8.87 -13.69 1.15
C ASN B 150 7.81 -14.49 0.42
N PRO B 151 6.68 -13.83 0.04
CA PRO B 151 5.55 -14.51 -0.59
C PRO B 151 5.83 -15.16 -1.93
N ARG B 152 6.91 -14.75 -2.63
CA ARG B 152 7.33 -15.46 -3.85
C ARG B 152 7.78 -16.86 -3.43
N ARG B 153 8.54 -16.95 -2.33
CA ARG B 153 9.10 -18.22 -1.91
C ARG B 153 8.01 -19.11 -1.34
N LEU B 154 7.02 -18.50 -0.67
CA LEU B 154 5.87 -19.22 -0.17
C LEU B 154 5.13 -19.85 -1.34
N ALA B 155 4.78 -19.03 -2.33
CA ALA B 155 4.01 -19.49 -3.47
C ALA B 155 4.69 -20.67 -4.18
N GLU B 156 6.03 -20.62 -4.33
CA GLU B 156 6.83 -21.66 -4.99
C GLU B 156 6.56 -23.01 -4.33
N ARG B 157 6.13 -23.01 -3.07
CA ARG B 157 5.83 -24.27 -2.41
C ARG B 157 4.33 -24.46 -2.29
N THR B 158 3.54 -24.00 -3.28
CA THR B 158 2.10 -24.26 -3.32
C THR B 158 1.84 -25.78 -3.45
N ASP B 159 2.44 -26.42 -4.46
CA ASP B 159 2.24 -27.82 -4.75
C ASP B 159 2.57 -28.67 -3.53
N ARG B 160 3.59 -28.28 -2.78
CA ARG B 160 4.01 -29.08 -1.65
C ARG B 160 2.94 -28.99 -0.57
N ILE B 161 2.39 -27.80 -0.38
CA ILE B 161 1.29 -27.60 0.56
C ILE B 161 0.04 -28.43 0.16
N ALA B 162 -0.24 -28.51 -1.14
CA ALA B 162 -1.36 -29.28 -1.64
C ALA B 162 -1.12 -30.73 -1.29
N ALA B 163 0.04 -31.24 -1.65
CA ALA B 163 0.40 -32.60 -1.28
C ALA B 163 0.03 -32.86 0.18
N ILE B 164 0.49 -32.01 1.09
CA ILE B 164 0.35 -32.25 2.52
C ILE B 164 -1.13 -32.29 2.83
N ALA B 165 -1.89 -31.39 2.21
CA ALA B 165 -3.32 -31.34 2.43
C ALA B 165 -3.98 -32.62 1.93
N GLY B 166 -3.58 -33.08 0.75
CA GLY B 166 -4.24 -34.19 0.08
C GLY B 166 -3.75 -35.51 0.61
N ARG B 167 -2.59 -35.56 1.24
CA ARG B 167 -2.19 -36.76 1.96
C ARG B 167 -3.05 -36.89 3.21
N LEU B 168 -3.21 -35.78 3.95
CA LEU B 168 -3.92 -35.82 5.21
C LEU B 168 -5.38 -36.20 4.97
N LEU B 169 -5.98 -35.65 3.90
CA LEU B 169 -7.42 -35.82 3.70
C LEU B 169 -7.73 -37.21 3.16
N THR B 170 -6.86 -37.75 2.31
CA THR B 170 -7.03 -39.10 1.83
C THR B 170 -6.94 -40.05 3.01
N GLU B 171 -5.99 -39.80 3.91
CA GLU B 171 -5.78 -40.68 5.07
C GLU B 171 -7.05 -40.69 5.91
N LEU B 172 -7.58 -39.50 6.20
CA LEU B 172 -8.81 -39.40 6.96
C LEU B 172 -10.00 -40.05 6.23
N ALA B 173 -10.02 -39.92 4.90
CA ALA B 173 -11.07 -40.51 4.11
C ALA B 173 -10.94 -42.01 4.15
N ASP B 174 -9.73 -42.51 3.95
CA ASP B 174 -9.50 -43.95 3.85
C ASP B 174 -9.79 -44.65 5.18
N ALA B 175 -9.66 -43.90 6.27
CA ALA B 175 -9.93 -44.37 7.62
C ALA B 175 -11.42 -44.26 7.93
N SER B 176 -12.06 -43.18 7.46
CA SER B 176 -13.50 -43.08 7.57
C SER B 176 -14.18 -44.30 6.95
N GLY B 177 -13.64 -44.77 5.81
CA GLY B 177 -14.20 -45.87 5.03
C GLY B 177 -14.13 -47.20 5.78
N ARG B 178 -13.00 -47.37 6.47
CA ARG B 178 -12.73 -48.57 7.25
C ARG B 178 -13.55 -48.61 8.54
N SER B 179 -13.65 -47.45 9.22
CA SER B 179 -14.32 -47.35 10.51
C SER B 179 -15.84 -47.26 10.38
N GLY B 180 -16.32 -46.63 9.29
CA GLY B 180 -17.74 -46.34 9.11
C GLY B 180 -18.17 -45.13 9.95
N LYS B 181 -17.17 -44.51 10.59
CA LYS B 181 -17.39 -43.31 11.37
C LYS B 181 -16.95 -42.10 10.58
N PRO B 182 -17.48 -40.90 10.85
CA PRO B 182 -17.03 -39.70 10.17
C PRO B 182 -15.57 -39.40 10.46
N ALA B 183 -14.97 -38.55 9.60
CA ALA B 183 -13.63 -38.01 9.84
C ALA B 183 -13.78 -36.74 10.66
N GLU B 184 -13.03 -36.67 11.78
CA GLU B 184 -13.07 -35.49 12.63
C GLU B 184 -11.95 -34.51 12.25
N LEU B 185 -12.32 -33.43 11.55
CA LEU B 185 -11.31 -32.63 10.86
C LEU B 185 -10.55 -31.69 11.81
N ILE B 186 -11.05 -31.42 13.01
CA ILE B 186 -10.31 -30.55 13.90
C ILE B 186 -9.02 -31.26 14.32
N GLY B 187 -9.14 -32.42 14.97
CA GLY B 187 -7.93 -33.08 15.45
C GLY B 187 -7.26 -33.86 14.34
N GLY B 188 -8.00 -34.13 13.28
CA GLY B 188 -7.45 -34.92 12.20
C GLY B 188 -6.60 -34.09 11.25
N PHE B 189 -6.92 -32.79 11.14
CA PHE B 189 -6.48 -32.00 10.00
C PHE B 189 -6.23 -30.52 10.31
N ALA B 190 -7.21 -29.85 10.93
CA ALA B 190 -7.12 -28.41 11.14
C ALA B 190 -5.73 -27.98 11.64
N TYR B 191 -5.07 -28.75 12.50
CA TYR B 191 -3.84 -28.32 13.14
C TYR B 191 -2.65 -29.00 12.47
N HIS B 192 -2.83 -30.16 11.86
CA HIS B 192 -1.71 -30.97 11.40
C HIS B 192 -1.23 -30.46 10.05
N PHE B 193 -2.18 -29.99 9.25
CA PHE B 193 -1.86 -29.36 7.98
C PHE B 193 -0.96 -28.17 8.24
N PRO B 194 -1.41 -27.08 8.89
CA PRO B 194 -0.56 -25.91 9.03
C PRO B 194 0.77 -26.13 9.73
N LEU B 195 0.80 -27.09 10.66
CA LEU B 195 2.01 -27.46 11.37
C LEU B 195 2.99 -28.20 10.46
N LEU B 196 2.52 -29.18 9.69
CA LEU B 196 3.42 -29.86 8.78
C LEU B 196 4.01 -28.89 7.75
N VAL B 197 3.18 -27.94 7.25
CA VAL B 197 3.61 -26.93 6.31
C VAL B 197 4.71 -26.08 6.93
N ILE B 198 4.44 -25.46 8.09
CA ILE B 198 5.41 -24.55 8.69
C ILE B 198 6.69 -25.28 9.05
N CYS B 199 6.55 -26.50 9.58
CA CYS B 199 7.70 -27.28 9.93
C CYS B 199 8.58 -27.49 8.69
N GLU B 200 7.95 -27.77 7.55
CA GLU B 200 8.68 -28.14 6.35
C GLU B 200 9.49 -26.96 5.78
N LEU B 201 8.84 -25.78 5.79
CA LEU B 201 9.45 -24.52 5.40
C LEU B 201 10.75 -24.28 6.20
N LEU B 202 10.77 -24.66 7.49
CA LEU B 202 11.90 -24.36 8.37
C LEU B 202 12.97 -25.43 8.27
N GLY B 203 12.55 -26.59 7.76
CA GLY B 203 13.44 -27.73 7.62
C GLY B 203 13.40 -28.63 8.87
N VAL B 204 12.27 -28.57 9.59
CA VAL B 204 12.08 -29.39 10.76
C VAL B 204 11.28 -30.60 10.34
N PRO B 205 11.90 -31.76 10.09
CA PRO B 205 11.15 -32.92 9.62
C PRO B 205 10.33 -33.56 10.75
N VAL B 206 9.01 -33.66 10.56
CA VAL B 206 8.07 -34.13 11.57
C VAL B 206 7.30 -35.34 11.04
N THR B 207 7.34 -36.47 11.75
CA THR B 207 6.67 -37.66 11.27
C THR B 207 5.41 -37.94 12.08
N ASP B 208 5.33 -37.48 13.33
CA ASP B 208 4.11 -37.62 14.12
C ASP B 208 3.56 -36.23 14.49
N PRO B 209 2.68 -35.65 13.63
CA PRO B 209 2.16 -34.30 13.86
C PRO B 209 1.43 -34.06 15.19
N ALA B 210 0.71 -35.09 15.69
CA ALA B 210 -0.07 -34.90 16.89
C ALA B 210 0.90 -34.69 18.04
N MET B 211 2.01 -35.41 17.97
CA MET B 211 2.94 -35.39 19.06
C MET B 211 3.83 -34.17 18.98
N ALA B 212 4.20 -33.77 17.75
CA ALA B 212 5.02 -32.57 17.53
C ALA B 212 4.30 -31.34 18.08
N ARG B 213 3.01 -31.26 17.79
CA ARG B 213 2.12 -30.25 18.34
C ARG B 213 2.22 -30.23 19.87
N GLU B 214 2.17 -31.42 20.49
CA GLU B 214 2.19 -31.51 21.94
C GLU B 214 3.47 -30.88 22.46
N ALA B 215 4.60 -31.26 21.83
CA ALA B 215 5.92 -30.78 22.21
C ALA B 215 6.05 -29.26 22.01
N VAL B 216 5.74 -28.76 20.81
CA VAL B 216 5.89 -27.36 20.54
C VAL B 216 5.00 -26.52 21.47
N SER B 217 3.77 -26.97 21.80
CA SER B 217 2.85 -26.22 22.69
C SER B 217 3.51 -26.02 24.05
N VAL B 218 4.19 -27.06 24.53
CA VAL B 218 4.83 -27.00 25.84
C VAL B 218 6.06 -26.07 25.73
N LEU B 219 6.86 -26.19 24.64
CA LEU B 219 8.02 -25.31 24.46
C LEU B 219 7.56 -23.86 24.50
N LYS B 220 6.43 -23.62 23.85
CA LYS B 220 5.86 -22.29 23.74
C LYS B 220 5.52 -21.70 25.09
N ALA B 221 4.85 -22.55 25.87
CA ALA B 221 4.33 -22.19 27.18
C ALA B 221 5.50 -21.90 28.12
N LEU B 222 6.56 -22.72 28.00
CA LEU B 222 7.73 -22.55 28.84
C LEU B 222 8.35 -21.20 28.53
N GLY B 223 8.56 -20.92 27.22
CA GLY B 223 9.34 -19.79 26.74
C GLY B 223 8.60 -18.47 26.95
N LEU B 224 7.27 -18.54 27.04
CA LEU B 224 6.49 -17.34 27.25
C LEU B 224 6.07 -17.16 28.71
N GLY B 225 6.73 -17.89 29.62
CA GLY B 225 6.60 -17.73 31.08
C GLY B 225 5.53 -18.61 31.73
N GLY B 226 5.92 -19.76 32.27
CA GLY B 226 4.95 -20.73 32.74
C GLY B 226 5.65 -21.99 33.23
N PRO B 227 5.35 -22.47 34.45
CA PRO B 227 6.00 -23.67 34.98
C PRO B 227 5.91 -24.84 34.02
N VAL B 241 7.27 -32.98 29.75
CA VAL B 241 8.01 -34.25 29.61
C VAL B 241 7.55 -34.82 28.30
N PRO B 242 6.43 -34.29 27.77
CA PRO B 242 6.10 -34.47 26.36
C PRO B 242 7.38 -34.57 25.52
N ASP B 243 8.42 -35.14 26.17
CA ASP B 243 9.73 -35.41 25.59
C ASP B 243 9.99 -34.38 24.51
N THR B 244 10.07 -33.15 24.96
CA THR B 244 10.28 -32.07 24.02
C THR B 244 11.55 -32.42 23.24
N SER B 245 12.53 -32.95 23.96
CA SER B 245 13.80 -33.44 23.44
C SER B 245 13.74 -33.93 21.99
N ALA B 246 12.76 -34.79 21.67
CA ALA B 246 12.58 -35.26 20.30
C ALA B 246 12.58 -34.11 19.29
N LEU B 247 11.68 -33.15 19.52
CA LEU B 247 11.47 -31.98 18.68
C LEU B 247 12.67 -31.05 18.78
N GLU B 248 13.13 -30.75 20.01
CA GLU B 248 14.27 -29.89 20.21
C GLU B 248 15.49 -30.39 19.44
N SER B 249 15.68 -31.72 19.41
CA SER B 249 16.62 -32.38 18.50
C SER B 249 16.38 -31.99 17.04
N LEU B 250 15.15 -32.16 16.56
CA LEU B 250 14.80 -31.83 15.18
C LEU B 250 15.06 -30.34 14.94
N LEU B 251 14.69 -29.48 15.92
CA LEU B 251 14.83 -28.03 15.82
C LEU B 251 16.30 -27.66 15.65
N LEU B 252 17.13 -28.27 16.50
CA LEU B 252 18.54 -27.96 16.49
C LEU B 252 19.20 -28.49 15.20
N GLU B 253 18.62 -29.52 14.59
CA GLU B 253 19.07 -30.00 13.29
C GLU B 253 18.89 -28.94 12.19
N ALA B 254 17.72 -28.30 12.22
CA ALA B 254 17.36 -27.39 11.16
C ALA B 254 18.33 -26.22 11.22
N VAL B 255 18.57 -25.79 12.45
CA VAL B 255 19.48 -24.69 12.72
C VAL B 255 20.87 -25.07 12.25
N HIS B 256 21.41 -26.16 12.76
CA HIS B 256 22.67 -26.68 12.23
C HIS B 256 22.63 -26.77 10.70
N SER B 257 21.63 -27.46 10.14
CA SER B 257 21.46 -27.53 8.69
C SER B 257 21.61 -26.15 8.06
N ALA B 258 20.92 -25.15 8.63
CA ALA B 258 20.91 -23.78 8.13
C ALA B 258 22.29 -23.11 8.24
N ARG B 259 23.10 -23.47 9.25
CA ARG B 259 24.42 -22.84 9.40
C ARG B 259 25.41 -23.26 8.30
N ARG B 260 25.40 -24.52 7.91
CA ARG B 260 26.39 -25.04 7.00
C ARG B 260 25.85 -25.17 5.59
N ASN B 261 24.63 -24.72 5.31
CA ASN B 261 24.15 -24.73 3.93
C ASN B 261 23.57 -23.37 3.56
N ASP B 262 23.88 -23.00 2.31
CA ASP B 262 23.58 -21.70 1.73
C ASP B 262 22.31 -21.81 0.88
N THR B 263 21.83 -23.05 0.70
CA THR B 263 20.44 -23.31 0.36
C THR B 263 19.56 -22.33 1.12
N PRO B 264 18.78 -21.46 0.43
CA PRO B 264 17.91 -20.50 1.11
C PRO B 264 16.62 -21.07 1.73
N THR B 265 16.68 -22.03 2.71
CA THR B 265 15.53 -22.43 3.53
C THR B 265 14.99 -21.21 4.25
N MET B 266 13.79 -21.31 4.82
CA MET B 266 13.30 -20.22 5.67
C MET B 266 14.26 -20.03 6.84
N THR B 267 14.74 -21.13 7.42
CA THR B 267 15.55 -21.06 8.63
C THR B 267 16.89 -20.40 8.30
N ARG B 268 17.44 -20.66 7.12
CA ARG B 268 18.73 -20.07 6.76
C ARG B 268 18.61 -18.56 6.57
N VAL B 269 17.45 -18.08 6.12
CA VAL B 269 17.36 -16.67 5.82
C VAL B 269 17.30 -15.93 7.15
N LEU B 270 16.66 -16.59 8.13
CA LEU B 270 16.52 -16.09 9.50
C LEU B 270 17.90 -16.05 10.14
N TYR B 271 18.67 -17.09 9.89
CA TYR B 271 20.03 -17.13 10.41
C TYR B 271 20.81 -15.92 9.90
N GLU B 272 20.75 -15.72 8.57
CA GLU B 272 21.54 -14.71 7.91
C GLU B 272 21.14 -13.36 8.47
N ARG B 273 19.85 -13.03 8.48
CA ARG B 273 19.45 -11.70 8.92
C ARG B 273 19.75 -11.50 10.41
N ALA B 274 19.63 -12.57 11.21
CA ALA B 274 19.89 -12.47 12.65
C ALA B 274 21.37 -12.19 12.88
N GLN B 275 22.23 -13.00 12.25
CA GLN B 275 23.65 -12.82 12.45
C GLN B 275 24.03 -11.36 12.23
N ALA B 276 23.47 -10.78 11.16
CA ALA B 276 23.84 -9.47 10.70
C ALA B 276 23.34 -8.37 11.62
N GLU B 277 22.13 -8.55 12.15
CA GLU B 277 21.56 -7.50 12.97
C GLU B 277 22.12 -7.50 14.38
N PHE B 278 22.50 -8.71 14.85
CA PHE B 278 22.82 -9.04 16.25
C PHE B 278 24.32 -9.31 16.40
N GLY B 279 25.02 -9.36 15.25
CA GLY B 279 26.45 -9.64 15.22
C GLY B 279 26.71 -11.13 15.30
N SER B 280 25.98 -11.80 16.19
CA SER B 280 26.25 -13.18 16.58
C SER B 280 24.92 -13.77 17.06
N VAL B 281 24.59 -14.99 16.64
CA VAL B 281 23.37 -15.57 17.18
C VAL B 281 23.57 -17.03 17.58
N SER B 282 23.02 -17.43 18.73
CA SER B 282 23.30 -18.74 19.29
C SER B 282 22.29 -19.74 18.72
N ASP B 283 22.70 -21.02 18.72
CA ASP B 283 21.88 -22.10 18.21
C ASP B 283 20.55 -22.04 18.95
N ASP B 284 20.64 -21.72 20.25
CA ASP B 284 19.51 -21.70 21.16
C ASP B 284 18.52 -20.60 20.80
N GLN B 285 19.02 -19.38 20.59
CA GLN B 285 18.17 -18.26 20.20
C GLN B 285 17.40 -18.54 18.90
N LEU B 286 18.06 -19.21 17.93
CA LEU B 286 17.43 -19.53 16.65
C LEU B 286 16.30 -20.56 16.81
N VAL B 287 16.57 -21.62 17.60
CA VAL B 287 15.59 -22.61 17.99
C VAL B 287 14.44 -21.90 18.70
N TYR B 288 14.76 -21.05 19.65
CA TYR B 288 13.71 -20.35 20.33
C TYR B 288 12.80 -19.64 19.35
N MET B 289 13.40 -18.87 18.41
CA MET B 289 12.61 -18.02 17.55
C MET B 289 11.74 -18.89 16.64
N ILE B 290 12.31 -19.93 16.06
CA ILE B 290 11.48 -20.76 15.19
C ILE B 290 10.40 -21.48 15.99
N THR B 291 10.65 -21.77 17.28
CA THR B 291 9.65 -22.44 18.11
C THR B 291 8.37 -21.60 18.05
N GLY B 292 8.53 -20.28 18.22
CA GLY B 292 7.38 -19.39 18.22
C GLY B 292 6.64 -19.44 16.89
N LEU B 293 7.42 -19.49 15.81
CA LEU B 293 6.87 -19.54 14.47
C LEU B 293 6.07 -20.82 14.24
N ILE B 294 6.52 -21.96 14.78
CA ILE B 294 5.75 -23.17 14.56
C ILE B 294 4.49 -23.07 15.39
N PHE B 295 4.60 -22.45 16.55
CA PHE B 295 3.45 -22.46 17.42
C PHE B 295 2.39 -21.59 16.79
N ALA B 296 2.76 -20.35 16.39
CA ALA B 296 1.76 -19.42 15.87
C ALA B 296 1.28 -19.86 14.50
N GLY B 297 2.10 -20.67 13.83
CA GLY B 297 1.87 -20.99 12.44
C GLY B 297 0.85 -22.08 12.22
N HIS B 298 0.67 -22.90 13.27
CA HIS B 298 -0.28 -24.00 13.27
C HIS B 298 -1.45 -23.64 14.20
N ASP B 299 -1.15 -23.11 15.41
CA ASP B 299 -2.22 -22.88 16.35
C ASP B 299 -3.24 -21.92 15.77
N THR B 300 -2.87 -20.68 15.52
CA THR B 300 -3.85 -19.70 15.06
C THR B 300 -4.50 -20.14 13.75
N THR B 301 -3.67 -20.51 12.81
CA THR B 301 -4.16 -20.87 11.51
C THR B 301 -5.18 -21.98 11.64
N GLY B 302 -4.81 -23.06 12.33
CA GLY B 302 -5.66 -24.24 12.47
C GLY B 302 -6.98 -23.98 13.20
N SER B 303 -7.01 -22.93 14.03
CA SER B 303 -8.25 -22.52 14.62
C SER B 303 -9.13 -21.87 13.57
N PHE B 304 -8.54 -21.01 12.72
CA PHE B 304 -9.28 -20.45 11.61
C PHE B 304 -9.64 -21.50 10.56
N LEU B 305 -8.76 -22.43 10.22
CA LEU B 305 -9.09 -23.37 9.17
C LEU B 305 -10.34 -24.17 9.49
N GLY B 306 -10.51 -24.53 10.77
CA GLY B 306 -11.67 -25.29 11.20
C GLY B 306 -12.92 -24.54 10.78
N PHE B 307 -13.01 -23.27 11.18
CA PHE B 307 -14.17 -22.47 10.84
C PHE B 307 -14.32 -22.46 9.33
N LEU B 308 -13.21 -22.29 8.60
CA LEU B 308 -13.27 -22.12 7.15
C LEU B 308 -13.78 -23.41 6.50
N LEU B 309 -13.42 -24.59 7.04
CA LEU B 309 -13.91 -25.88 6.55
C LEU B 309 -15.41 -26.08 6.77
N ALA B 310 -15.84 -25.54 7.91
CA ALA B 310 -17.22 -25.72 8.28
C ALA B 310 -18.04 -25.02 7.21
N GLU B 311 -17.61 -23.82 6.88
CA GLU B 311 -18.36 -22.95 5.97
C GLU B 311 -18.35 -23.52 4.56
N VAL B 312 -17.19 -24.02 4.14
CA VAL B 312 -17.07 -24.63 2.83
C VAL B 312 -18.00 -25.83 2.81
N LEU B 313 -17.87 -26.70 3.81
CA LEU B 313 -18.56 -27.99 3.77
C LEU B 313 -20.09 -27.88 3.96
N ALA B 314 -20.54 -26.77 4.53
CA ALA B 314 -21.95 -26.44 4.63
C ALA B 314 -22.50 -25.96 3.28
N GLY B 315 -21.70 -25.99 2.22
CA GLY B 315 -22.18 -25.72 0.88
C GLY B 315 -22.22 -24.24 0.46
N ARG B 316 -21.46 -23.32 1.08
CA ARG B 316 -21.73 -21.90 0.93
C ARG B 316 -20.87 -21.24 -0.17
N LEU B 317 -19.92 -22.02 -0.69
CA LEU B 317 -19.08 -21.63 -1.82
C LEU B 317 -19.68 -22.21 -3.08
N ALA B 318 -20.11 -21.32 -3.97
CA ALA B 318 -20.70 -21.70 -5.24
C ALA B 318 -19.82 -22.71 -5.96
N ALA B 319 -20.49 -23.71 -6.56
CA ALA B 319 -19.87 -24.91 -7.10
C ALA B 319 -18.73 -24.58 -8.05
N ASP B 320 -18.90 -23.53 -8.87
CA ASP B 320 -17.88 -23.08 -9.81
C ASP B 320 -17.34 -21.73 -9.40
N ALA B 321 -16.23 -21.73 -8.71
CA ALA B 321 -15.71 -20.50 -8.17
C ALA B 321 -14.37 -20.23 -8.85
N ASP B 322 -14.32 -19.14 -9.61
CA ASP B 322 -13.04 -18.67 -10.14
C ASP B 322 -12.09 -18.62 -8.95
N GLU B 323 -10.80 -18.57 -9.19
CA GLU B 323 -9.88 -18.26 -8.10
C GLU B 323 -10.43 -17.13 -7.22
N ASP B 324 -10.93 -16.04 -7.82
CA ASP B 324 -11.27 -14.84 -7.05
C ASP B 324 -12.44 -15.14 -6.11
N ALA B 325 -13.42 -15.85 -6.64
CA ALA B 325 -14.55 -16.29 -5.85
C ALA B 325 -14.08 -16.93 -4.53
N VAL B 326 -13.11 -17.84 -4.64
CA VAL B 326 -12.56 -18.52 -3.49
C VAL B 326 -11.82 -17.52 -2.59
N SER B 327 -11.07 -16.58 -3.15
CA SER B 327 -10.31 -15.70 -2.29
C SER B 327 -11.28 -14.78 -1.55
N ARG B 328 -12.42 -14.47 -2.18
CA ARG B 328 -13.45 -13.68 -1.51
C ARG B 328 -14.02 -14.49 -0.32
N PHE B 329 -14.17 -15.79 -0.51
CA PHE B 329 -14.80 -16.62 0.50
C PHE B 329 -14.00 -16.61 1.78
N VAL B 330 -12.69 -16.77 1.59
CA VAL B 330 -11.72 -16.82 2.66
C VAL B 330 -11.65 -15.48 3.37
N GLU B 331 -11.79 -14.43 2.58
CA GLU B 331 -11.70 -13.05 3.09
C GLU B 331 -12.84 -12.83 4.10
N GLU B 332 -14.05 -13.33 3.76
CA GLU B 332 -15.23 -13.26 4.60
C GLU B 332 -15.08 -14.19 5.79
N ALA B 333 -14.68 -15.41 5.53
CA ALA B 333 -14.42 -16.31 6.63
C ALA B 333 -13.55 -15.61 7.68
N LEU B 334 -12.43 -14.99 7.24
CA LEU B 334 -11.49 -14.32 8.14
C LEU B 334 -12.08 -13.10 8.84
N ARG B 335 -13.08 -12.48 8.23
CA ARG B 335 -13.81 -11.42 8.89
C ARG B 335 -14.72 -12.01 9.95
N TYR B 336 -15.49 -13.04 9.56
CA TYR B 336 -16.64 -13.55 10.34
C TYR B 336 -16.18 -14.50 11.45
N HIS B 337 -14.97 -15.07 11.29
CA HIS B 337 -14.53 -16.12 12.16
C HIS B 337 -13.11 -15.82 12.60
N PRO B 338 -12.85 -14.63 13.15
CA PRO B 338 -11.52 -14.32 13.61
C PRO B 338 -11.13 -15.28 14.72
N PRO B 339 -9.99 -15.98 14.60
CA PRO B 339 -9.55 -16.91 15.62
C PRO B 339 -9.02 -16.20 16.86
N VAL B 340 -8.70 -14.91 16.71
CA VAL B 340 -8.15 -14.17 17.83
C VAL B 340 -9.15 -13.08 18.21
N PRO B 341 -9.78 -13.17 19.40
CA PRO B 341 -10.90 -12.30 19.71
C PRO B 341 -10.45 -10.87 19.94
N TYR B 342 -9.34 -10.71 20.67
CA TYR B 342 -8.77 -9.42 20.99
C TYR B 342 -7.28 -9.40 20.64
N THR B 343 -6.67 -8.18 20.53
CA THR B 343 -5.24 -8.03 20.33
C THR B 343 -4.48 -8.51 21.55
N LEU B 344 -3.15 -8.52 21.46
CA LEU B 344 -2.33 -9.04 22.54
C LEU B 344 -2.19 -7.94 23.60
N TRP B 345 -1.75 -8.41 24.78
CA TRP B 345 -1.65 -7.55 25.95
C TRP B 345 -0.73 -6.36 25.62
N ARG B 346 -1.32 -5.17 25.65
CA ARG B 346 -0.62 -3.89 25.59
C ARG B 346 -0.83 -3.10 26.90
N PHE B 347 0.19 -2.35 27.31
CA PHE B 347 0.13 -1.58 28.54
C PHE B 347 0.39 -0.13 28.17
N ALA B 348 -0.27 0.79 28.88
CA ALA B 348 0.13 2.19 28.83
C ALA B 348 1.47 2.30 29.54
N ALA B 349 2.49 2.84 28.85
CA ALA B 349 3.84 3.01 29.37
C ALA B 349 3.98 4.33 30.12
N THR B 350 3.00 5.21 29.92
CA THR B 350 2.77 6.40 30.73
C THR B 350 1.27 6.48 31.02
N GLU B 351 0.82 7.50 31.73
CA GLU B 351 -0.60 7.80 31.72
C GLU B 351 -0.95 8.38 30.36
N VAL B 352 -2.22 8.23 29.94
CA VAL B 352 -2.64 8.89 28.71
C VAL B 352 -4.15 8.82 28.53
N THR B 353 -4.68 9.74 27.72
CA THR B 353 -6.12 9.83 27.51
C THR B 353 -6.48 9.36 26.10
N ILE B 354 -7.37 8.36 26.04
CA ILE B 354 -7.83 7.69 24.84
C ILE B 354 -9.35 7.88 24.74
N GLY B 355 -9.84 8.48 23.65
CA GLY B 355 -11.27 8.74 23.46
C GLY B 355 -11.92 9.30 24.73
N GLY B 356 -11.44 10.44 25.21
CA GLY B 356 -12.03 11.16 26.32
C GLY B 356 -11.83 10.46 27.66
N VAL B 357 -11.23 9.27 27.66
CA VAL B 357 -10.98 8.53 28.91
C VAL B 357 -9.47 8.64 29.18
N ARG B 358 -9.10 8.64 30.48
CA ARG B 358 -7.72 8.76 30.95
C ARG B 358 -7.21 7.45 31.54
N LEU B 359 -6.06 7.01 31.02
CA LEU B 359 -5.53 5.68 31.30
C LEU B 359 -4.30 5.83 32.19
N PRO B 360 -4.26 5.16 33.35
CA PRO B 360 -3.10 5.21 34.22
C PRO B 360 -1.89 4.54 33.58
N ARG B 361 -0.78 4.71 34.27
CA ARG B 361 0.41 3.94 33.97
C ARG B 361 0.08 2.46 34.07
N GLY B 362 0.59 1.65 33.14
CA GLY B 362 0.47 0.21 33.23
C GLY B 362 -0.98 -0.28 33.07
N ALA B 363 -1.83 0.51 32.39
CA ALA B 363 -3.22 0.12 32.12
C ALA B 363 -3.26 -0.98 31.08
N PRO B 364 -3.75 -2.22 31.40
CA PRO B 364 -3.95 -3.24 30.37
C PRO B 364 -5.01 -2.80 29.36
N VAL B 365 -4.70 -3.03 28.06
CA VAL B 365 -5.44 -2.53 26.91
C VAL B 365 -5.54 -3.65 25.89
N LEU B 366 -6.74 -3.76 25.31
CA LEU B 366 -7.10 -4.75 24.31
C LEU B 366 -7.87 -4.07 23.20
N VAL B 367 -7.74 -4.58 21.98
CA VAL B 367 -8.60 -4.15 20.88
C VAL B 367 -9.56 -5.29 20.57
N ASP B 368 -10.84 -4.94 20.30
CA ASP B 368 -11.86 -5.93 20.00
C ASP B 368 -11.85 -6.24 18.51
N ILE B 369 -11.25 -7.39 18.17
CA ILE B 369 -11.17 -7.84 16.79
C ILE B 369 -12.51 -8.43 16.39
N GLU B 370 -12.95 -9.43 17.18
CA GLU B 370 -14.24 -10.09 16.98
C GLU B 370 -15.34 -9.04 16.91
N GLY B 371 -15.42 -8.12 17.88
CA GLY B 371 -16.41 -7.05 17.92
C GLY B 371 -16.40 -6.18 16.67
N THR B 372 -15.25 -5.56 16.36
CA THR B 372 -15.08 -4.61 15.27
C THR B 372 -15.42 -5.27 13.94
N ASN B 373 -14.99 -6.53 13.78
CA ASN B 373 -15.29 -7.25 12.55
C ASN B 373 -16.80 -7.36 12.34
N THR B 374 -17.54 -7.55 13.46
CA THR B 374 -18.99 -7.77 13.49
C THR B 374 -19.68 -6.54 14.06
N ASP B 375 -19.26 -5.39 13.50
CA ASP B 375 -19.85 -4.09 13.81
C ASP B 375 -20.79 -3.67 12.69
N GLY B 376 -22.08 -3.67 13.02
CA GLY B 376 -23.13 -3.27 12.09
C GLY B 376 -22.95 -1.87 11.51
N ARG B 377 -22.27 -1.00 12.28
CA ARG B 377 -21.94 0.35 11.84
C ARG B 377 -21.13 0.36 10.55
N HIS B 378 -20.14 -0.54 10.48
CA HIS B 378 -19.17 -0.59 9.40
C HIS B 378 -19.48 -1.71 8.42
N HIS B 379 -20.03 -2.83 8.87
CA HIS B 379 -20.38 -3.89 7.94
C HIS B 379 -21.90 -4.08 7.97
N ASP B 380 -22.50 -4.16 6.79
CA ASP B 380 -23.94 -4.19 6.65
C ASP B 380 -24.40 -5.65 6.59
N ALA B 381 -25.13 -6.07 7.66
CA ALA B 381 -25.45 -7.45 8.02
C ALA B 381 -24.24 -8.12 8.65
N PRO B 382 -23.70 -7.59 9.75
CA PRO B 382 -22.46 -8.11 10.27
C PRO B 382 -22.50 -9.59 10.56
N HIS B 383 -23.62 -10.12 11.08
CA HIS B 383 -23.59 -11.48 11.57
C HIS B 383 -24.06 -12.44 10.51
N ALA B 384 -24.37 -11.94 9.32
CA ALA B 384 -24.50 -12.81 8.15
C ALA B 384 -23.14 -13.14 7.55
N PHE B 385 -23.07 -14.19 6.73
CA PHE B 385 -21.87 -14.59 6.01
C PHE B 385 -22.13 -14.38 4.52
N HIS B 386 -21.57 -13.26 4.01
CA HIS B 386 -21.67 -12.89 2.61
C HIS B 386 -20.26 -12.82 2.02
N PRO B 387 -19.91 -13.77 1.13
CA PRO B 387 -18.70 -13.62 0.34
C PRO B 387 -18.71 -12.34 -0.49
N ASP B 388 -19.84 -12.02 -1.12
CA ASP B 388 -19.85 -10.94 -2.09
C ASP B 388 -19.93 -9.58 -1.41
N ARG B 389 -19.76 -9.52 -0.10
CA ARG B 389 -19.86 -8.23 0.57
C ARG B 389 -18.96 -7.22 -0.10
N PRO B 390 -19.26 -5.90 -0.02
CA PRO B 390 -18.27 -4.90 -0.42
C PRO B 390 -16.95 -5.01 0.39
N SER B 391 -15.90 -5.62 -0.19
CA SER B 391 -14.59 -5.83 0.44
C SER B 391 -14.20 -4.63 1.30
N TRP B 392 -14.00 -4.87 2.58
CA TRP B 392 -13.73 -3.80 3.50
C TRP B 392 -12.65 -4.33 4.42
N ARG B 393 -12.15 -3.42 5.22
CA ARG B 393 -11.08 -3.68 6.17
C ARG B 393 -11.57 -4.50 7.37
N ARG B 394 -10.61 -5.07 8.09
CA ARG B 394 -10.88 -5.89 9.26
C ARG B 394 -9.64 -5.89 10.13
N LEU B 395 -9.69 -6.55 11.29
CA LEU B 395 -8.59 -6.54 12.22
C LEU B 395 -8.18 -7.96 12.55
N THR B 396 -8.56 -8.90 11.70
CA THR B 396 -8.30 -10.28 12.05
C THR B 396 -6.81 -10.54 12.29
N PHE B 397 -5.94 -9.86 11.55
CA PHE B 397 -4.51 -10.13 11.61
C PHE B 397 -3.82 -9.02 12.37
N GLY B 398 -4.56 -7.95 12.65
CA GLY B 398 -4.05 -6.86 13.46
C GLY B 398 -3.76 -5.62 12.61
N ASP B 399 -2.99 -4.68 13.19
CA ASP B 399 -2.56 -3.48 12.48
C ASP B 399 -1.39 -2.86 13.25
N GLY B 400 -0.78 -1.83 12.65
CA GLY B 400 0.40 -1.19 13.22
C GLY B 400 1.65 -2.01 12.92
N PRO B 401 2.77 -1.68 13.61
CA PRO B 401 4.03 -2.37 13.46
C PRO B 401 3.96 -3.87 13.69
N HIS B 402 2.94 -4.36 14.42
CA HIS B 402 2.96 -5.75 14.88
C HIS B 402 2.10 -6.67 14.00
N TYR B 403 1.64 -6.15 12.83
CA TYR B 403 0.82 -6.91 11.90
C TYR B 403 1.30 -8.36 11.75
N CYS B 404 0.38 -9.32 11.64
CA CYS B 404 0.74 -10.73 11.44
C CYS B 404 1.67 -10.87 10.23
N ILE B 405 2.78 -11.61 10.36
CA ILE B 405 3.70 -11.85 9.26
C ILE B 405 3.24 -13.06 8.44
N GLY B 406 2.18 -13.74 8.93
CA GLY B 406 1.75 -15.00 8.35
C GLY B 406 0.50 -14.86 7.49
N GLU B 407 -0.12 -13.69 7.48
CA GLU B 407 -1.29 -13.48 6.64
C GLU B 407 -1.16 -14.17 5.28
N GLN B 408 -0.17 -13.80 4.47
CA GLN B 408 0.08 -14.49 3.21
C GLN B 408 0.09 -16.01 3.35
N LEU B 409 0.84 -16.55 4.32
CA LEU B 409 0.98 -18.00 4.45
C LEU B 409 -0.36 -18.64 4.76
N ALA B 410 -1.06 -18.00 5.70
CA ALA B 410 -2.39 -18.45 6.09
C ALA B 410 -3.25 -18.54 4.84
N GLN B 411 -3.34 -17.41 4.13
CA GLN B 411 -4.24 -17.34 3.01
C GLN B 411 -3.83 -18.33 1.94
N LEU B 412 -2.55 -18.38 1.59
CA LEU B 412 -2.13 -19.40 0.64
C LEU B 412 -2.68 -20.78 1.09
N GLU B 413 -2.45 -21.12 2.37
CA GLU B 413 -2.82 -22.43 2.86
C GLU B 413 -4.33 -22.59 2.68
N SER B 414 -5.06 -21.56 3.12
CA SER B 414 -6.51 -21.60 3.10
C SER B 414 -7.00 -21.87 1.69
N ARG B 415 -6.51 -21.06 0.71
CA ARG B 415 -6.96 -21.19 -0.66
C ARG B 415 -6.53 -22.54 -1.19
N THR B 416 -5.34 -22.97 -0.76
CA THR B 416 -4.78 -24.16 -1.39
C THR B 416 -5.63 -25.35 -0.98
N MET B 417 -6.10 -25.32 0.29
CA MET B 417 -6.77 -26.42 0.96
C MET B 417 -8.15 -26.58 0.32
N ILE B 418 -8.79 -25.44 0.07
CA ILE B 418 -10.10 -25.51 -0.55
C ILE B 418 -9.99 -26.08 -1.96
N GLY B 419 -8.88 -25.81 -2.64
CA GLY B 419 -8.65 -26.33 -3.96
C GLY B 419 -8.46 -27.84 -3.95
N VAL B 420 -7.77 -28.34 -2.92
CA VAL B 420 -7.54 -29.77 -2.79
C VAL B 420 -8.88 -30.42 -2.50
N LEU B 421 -9.64 -29.71 -1.68
CA LEU B 421 -10.90 -30.24 -1.26
C LEU B 421 -11.89 -30.29 -2.42
N ARG B 422 -11.85 -29.30 -3.27
CA ARG B 422 -12.83 -29.26 -4.31
C ARG B 422 -12.42 -30.15 -5.46
N SER B 423 -11.12 -30.29 -5.69
CA SER B 423 -10.69 -31.03 -6.86
C SER B 423 -10.52 -32.50 -6.53
N ARG B 424 -10.41 -32.86 -5.24
CA ARG B 424 -10.09 -34.23 -4.89
C ARG B 424 -11.14 -34.85 -4.00
N PHE B 425 -11.95 -34.03 -3.29
CA PHE B 425 -13.03 -34.51 -2.42
C PHE B 425 -14.30 -33.75 -2.77
N PRO B 426 -14.82 -33.88 -4.00
CA PRO B 426 -15.90 -33.03 -4.45
C PRO B 426 -17.17 -33.18 -3.63
N GLU B 427 -17.38 -34.32 -2.98
CA GLU B 427 -18.65 -34.59 -2.33
C GLU B 427 -18.53 -34.60 -0.80
N ALA B 428 -17.43 -34.07 -0.26
CA ALA B 428 -17.27 -33.89 1.16
C ALA B 428 -18.39 -33.02 1.73
N ARG B 429 -18.93 -33.42 2.85
CA ARG B 429 -20.11 -32.75 3.36
C ARG B 429 -20.11 -32.93 4.87
N LEU B 430 -20.65 -31.94 5.56
CA LEU B 430 -20.76 -32.05 7.00
C LEU B 430 -21.55 -33.32 7.31
N ALA B 431 -21.09 -34.13 8.30
CA ALA B 431 -21.84 -35.28 8.80
C ALA B 431 -22.83 -34.86 9.90
N VAL B 432 -22.84 -33.58 10.28
CA VAL B 432 -23.89 -33.03 11.12
C VAL B 432 -24.38 -31.70 10.56
N PRO B 433 -25.61 -31.24 10.87
CA PRO B 433 -26.06 -29.91 10.49
C PRO B 433 -25.17 -28.79 11.03
N TYR B 434 -24.91 -27.80 10.18
CA TYR B 434 -24.18 -26.59 10.54
C TYR B 434 -24.73 -26.02 11.86
N ASP B 435 -26.07 -26.08 12.03
CA ASP B 435 -26.68 -25.42 13.17
C ASP B 435 -26.27 -26.08 14.47
N GLU B 436 -25.81 -27.33 14.40
CA GLU B 436 -25.51 -28.08 15.61
C GLU B 436 -24.03 -27.90 15.93
N LEU B 437 -23.30 -27.23 15.05
CA LEU B 437 -21.91 -26.99 15.36
C LEU B 437 -21.82 -25.91 16.41
N ARG B 438 -20.76 -26.07 17.22
CA ARG B 438 -20.51 -25.27 18.40
C ARG B 438 -19.00 -25.02 18.48
N TRP B 439 -18.66 -23.81 18.97
CA TRP B 439 -17.28 -23.37 19.08
C TRP B 439 -17.08 -22.57 20.37
N CYS B 440 -15.88 -22.62 20.92
CA CYS B 440 -15.64 -22.01 22.21
C CYS B 440 -14.16 -21.65 22.38
N ARG B 441 -13.86 -20.78 23.35
CA ARG B 441 -12.48 -20.53 23.75
C ARG B 441 -12.38 -20.38 25.26
N LYS B 442 -11.30 -20.96 25.82
CA LYS B 442 -10.94 -20.78 27.22
C LYS B 442 -9.93 -19.64 27.31
N GLY B 443 -10.45 -18.41 27.30
CA GLY B 443 -9.67 -17.24 27.66
C GLY B 443 -8.67 -16.90 26.56
N ALA B 444 -7.38 -17.06 26.88
CA ALA B 444 -6.30 -16.61 26.03
C ALA B 444 -6.07 -17.57 24.87
N GLN B 445 -6.77 -18.70 24.94
CA GLN B 445 -6.83 -19.65 23.84
C GLN B 445 -7.59 -19.02 22.67
N THR B 446 -7.31 -19.59 21.50
CA THR B 446 -7.92 -19.16 20.27
C THR B 446 -9.27 -19.87 20.13
N ALA B 447 -10.28 -19.15 19.63
CA ALA B 447 -11.58 -19.72 19.27
C ALA B 447 -11.41 -20.90 18.32
N ARG B 448 -12.20 -21.97 18.56
CA ARG B 448 -12.19 -23.17 17.73
C ARG B 448 -13.47 -23.99 17.90
N LEU B 449 -13.77 -24.82 16.89
CA LEU B 449 -14.88 -25.74 16.93
C LEU B 449 -14.56 -26.90 17.87
N THR B 450 -15.56 -27.33 18.66
CA THR B 450 -15.44 -28.49 19.54
C THR B 450 -14.98 -29.68 18.69
N GLU B 451 -15.62 -29.79 17.52
CA GLU B 451 -15.34 -30.84 16.56
C GLU B 451 -15.94 -30.47 15.21
N LEU B 452 -15.64 -31.29 14.19
CA LEU B 452 -16.16 -31.08 12.85
C LEU B 452 -16.25 -32.44 12.17
N PRO B 453 -17.36 -33.17 12.37
CA PRO B 453 -17.53 -34.45 11.71
C PRO B 453 -17.86 -34.21 10.26
N VAL B 454 -17.25 -35.03 9.41
CA VAL B 454 -17.28 -34.82 7.98
C VAL B 454 -17.30 -36.19 7.31
N TRP B 455 -18.04 -36.27 6.20
CA TRP B 455 -17.92 -37.36 5.23
C TRP B 455 -17.21 -36.76 4.04
N LEU B 456 -15.94 -37.11 3.89
CA LEU B 456 -15.08 -36.59 2.84
C LEU B 456 -15.47 -37.20 1.50
N ARG B 457 -16.04 -38.40 1.49
CA ARG B 457 -16.54 -38.87 0.22
C ARG B 457 -17.81 -39.66 0.43
#